data_3BPR
#
_entry.id   3BPR
#
_cell.length_a   70.001
_cell.length_b   91.702
_cell.length_c   120.745
_cell.angle_alpha   90.00
_cell.angle_beta   94.06
_cell.angle_gamma   90.00
#
_symmetry.space_group_name_H-M   'P 1 21 1'
#
loop_
_entity.id
_entity.type
_entity.pdbx_description
1 polymer 'Proto-oncogene tyrosine-protein kinase MER'
2 non-polymer 2-(2-HYDROXYETHYLAMINO)-6-(3-CHLOROANILINO)-9-ISOPROPYLPURINE
3 non-polymer 'SODIUM ION'
4 non-polymer 'CHLORIDE ION'
5 water water
#
_entity_poly.entity_id   1
_entity_poly.type   'polypeptide(L)'
_entity_poly.pdbx_seq_one_letter_code
;MGSSHHHHHHSSGLVPRGSEELQNKLEDVVIDRNLLILGKILGEGEFGSVMEGNLKQEDGTSLKVAVKTMKLDNSSQREI
EEFLSEAACMKDFSHPNVIRLLGVCIEMSSQGIPKPMVILPFMKYGDLHTYLLYSRLETGPKHIPLQTLLKFMVDIALGM
EYLSNRNFLHRDLAARNCMLRDDMTVCVADFGLSKKIYSGDYYRQGRIAKMPVKWIAIESLADRVYTSKSDVWAFGVTMW
EIATRGMTPYPGVQNHEMYDYLLHGHRLKQPEDCLDELYEIMYSCWRTDPLDRPTFSVLRLQLEKLLESLPDV
;
_entity_poly.pdbx_strand_id   A,B,C,D
#
loop_
_chem_comp.id
_chem_comp.type
_chem_comp.name
_chem_comp.formula
CL non-polymer 'CHLORIDE ION' 'Cl -1'
NA non-polymer 'SODIUM ION' 'Na 1'
OLP non-polymer 2-(2-HYDROXYETHYLAMINO)-6-(3-CHLOROANILINO)-9-ISOPROPYLPURINE 'C16 H19 Cl N6 O'
#
# COMPACT_ATOMS: atom_id res chain seq x y z
N ASN A 24 -46.05 -0.93 -45.41
CA ASN A 24 -46.79 0.21 -46.03
C ASN A 24 -48.14 0.44 -45.33
N LYS A 25 -48.83 -0.67 -45.04
CA LYS A 25 -50.18 -0.66 -44.45
C LYS A 25 -50.25 0.02 -43.08
N LEU A 26 -49.62 -0.58 -42.07
CA LEU A 26 -49.55 0.01 -40.73
C LEU A 26 -48.58 1.19 -40.68
N GLU A 27 -49.03 2.34 -41.21
CA GLU A 27 -48.23 3.55 -41.22
C GLU A 27 -49.01 4.66 -40.52
N ASP A 28 -50.30 4.43 -40.35
CA ASP A 28 -51.17 5.33 -39.59
C ASP A 28 -50.96 5.11 -38.09
N VAL A 29 -50.33 3.99 -37.73
CA VAL A 29 -49.93 3.76 -36.35
C VAL A 29 -48.98 4.86 -35.88
N VAL A 30 -48.11 5.29 -36.79
CA VAL A 30 -47.18 6.42 -36.58
C VAL A 30 -47.95 7.70 -36.35
N ILE A 31 -47.49 8.48 -35.37
CA ILE A 31 -48.07 9.79 -35.05
C ILE A 31 -47.04 10.87 -35.35
N ASP A 32 -47.52 11.98 -35.92
CA ASP A 32 -46.65 13.11 -36.23
C ASP A 32 -46.00 13.73 -34.97
N ARG A 33 -44.67 13.65 -34.92
CA ARG A 33 -43.86 14.08 -33.77
C ARG A 33 -44.24 15.43 -33.15
N ASN A 34 -44.77 16.34 -33.96
CA ASN A 34 -45.11 17.67 -33.45
C ASN A 34 -46.50 17.74 -32.85
N LEU A 35 -47.31 16.70 -33.08
CA LEU A 35 -48.56 16.54 -32.34
C LEU A 35 -48.25 16.22 -30.88
N LEU A 36 -46.99 15.97 -30.59
CA LEU A 36 -46.55 15.47 -29.30
C LEU A 36 -45.59 16.39 -28.55
N ILE A 37 -45.87 16.60 -27.27
CA ILE A 37 -45.01 17.41 -26.42
C ILE A 37 -44.63 16.65 -25.15
N LEU A 38 -43.33 16.60 -24.85
CA LEU A 38 -42.80 15.80 -23.73
C LEU A 38 -42.60 16.65 -22.48
N GLY A 39 -42.69 16.02 -21.31
CA GLY A 39 -42.49 16.73 -20.04
C GLY A 39 -41.39 16.12 -19.21
N LYS A 40 -41.55 16.16 -17.89
CA LYS A 40 -40.58 15.58 -16.94
C LYS A 40 -40.45 14.04 -17.07
N ILE A 41 -39.31 13.50 -16.65
CA ILE A 41 -39.11 12.05 -16.64
C ILE A 41 -39.80 11.40 -15.45
N LEU A 42 -40.43 10.26 -15.65
CA LEU A 42 -41.14 9.53 -14.57
C LEU A 42 -40.41 8.27 -14.11
N GLY A 43 -39.36 7.90 -14.84
CA GLY A 43 -38.56 6.74 -14.47
C GLY A 43 -37.61 6.31 -15.57
N GLU A 44 -36.53 5.64 -15.16
CA GLU A 44 -35.48 5.16 -16.05
C GLU A 44 -35.02 3.76 -15.65
N GLY A 45 -35.36 2.75 -16.48
CA GLY A 45 -34.76 1.41 -16.39
C GLY A 45 -33.61 1.26 -17.37
N GLU A 46 -32.84 0.19 -17.26
CA GLU A 46 -31.68 -0.06 -18.14
C GLU A 46 -32.04 0.09 -19.62
N PHE A 47 -33.22 -0.41 -19.99
CA PHE A 47 -33.76 -0.31 -21.35
C PHE A 47 -33.95 1.14 -21.84
N GLY A 48 -35.03 1.80 -21.41
CA GLY A 48 -35.26 3.18 -21.81
C GLY A 48 -35.61 4.14 -20.67
N SER A 49 -36.52 5.05 -20.96
CA SER A 49 -37.04 5.99 -19.96
C SER A 49 -38.49 6.36 -20.25
N VAL A 50 -39.32 6.42 -19.22
CA VAL A 50 -40.72 6.81 -19.39
C VAL A 50 -40.92 8.29 -19.03
N MET A 51 -41.63 9.02 -19.88
CA MET A 51 -41.91 10.46 -19.71
C MET A 51 -43.38 10.81 -19.80
N GLU A 52 -43.77 11.85 -19.06
CA GLU A 52 -45.09 12.48 -19.20
C GLU A 52 -45.12 13.39 -20.42
N GLY A 53 -46.30 13.52 -21.03
CA GLY A 53 -46.47 14.41 -22.18
C GLY A 53 -47.89 14.72 -22.57
N ASN A 54 -48.02 15.56 -23.60
CA ASN A 54 -49.32 15.93 -24.15
C ASN A 54 -49.39 15.50 -25.59
N LEU A 55 -50.50 14.87 -25.95
CA LEU A 55 -50.77 14.51 -27.32
C LEU A 55 -51.92 15.36 -27.83
N LYS A 56 -51.70 16.02 -28.96
CA LYS A 56 -52.76 16.81 -29.62
C LYS A 56 -53.58 15.90 -30.54
N GLN A 57 -54.89 16.09 -30.54
CA GLN A 57 -55.80 15.16 -31.19
C GLN A 57 -56.57 15.73 -32.36
N GLU A 58 -57.48 14.91 -32.90
CA GLU A 58 -58.42 15.34 -33.95
C GLU A 58 -59.34 16.46 -33.43
N ASP A 59 -59.92 16.20 -32.25
CA ASP A 59 -60.67 17.18 -31.46
C ASP A 59 -60.15 18.61 -31.47
N GLY A 60 -58.83 18.77 -31.54
CA GLY A 60 -58.20 20.01 -31.14
C GLY A 60 -57.75 19.90 -29.69
N THR A 61 -58.49 19.13 -28.87
CA THR A 61 -58.13 18.97 -27.46
C THR A 61 -56.84 18.15 -27.29
N SER A 62 -56.18 18.30 -26.15
CA SER A 62 -55.00 17.50 -25.83
C SER A 62 -55.31 16.44 -24.78
N LEU A 63 -54.57 15.33 -24.83
CA LEU A 63 -54.77 14.22 -23.91
C LEU A 63 -53.48 13.93 -23.18
N LYS A 64 -53.57 13.66 -21.89
CA LYS A 64 -52.39 13.33 -21.10
C LYS A 64 -51.94 11.92 -21.43
N VAL A 65 -50.64 11.80 -21.70
CA VAL A 65 -50.05 10.55 -22.15
C VAL A 65 -48.75 10.21 -21.43
N ALA A 66 -48.33 8.95 -21.53
CA ALA A 66 -47.00 8.53 -21.11
C ALA A 66 -46.20 8.03 -22.31
N VAL A 67 -44.93 8.43 -22.38
CA VAL A 67 -44.10 8.19 -23.56
C VAL A 67 -42.88 7.32 -23.20
N LYS A 68 -42.86 6.12 -23.76
CA LYS A 68 -41.80 5.15 -23.54
C LYS A 68 -40.78 5.20 -24.67
N THR A 69 -39.51 5.35 -24.31
CA THR A 69 -38.41 5.41 -25.29
C THR A 69 -37.52 4.19 -25.20
N MET A 70 -37.07 3.69 -26.35
CA MET A 70 -36.11 2.57 -26.41
C MET A 70 -35.16 2.75 -27.61
N LYS A 71 -34.36 1.72 -27.93
CA LYS A 71 -33.36 1.85 -29.00
C LYS A 71 -33.28 0.66 -29.95
N ARG A 78 -30.51 -2.85 -36.97
CA ARG A 78 -31.58 -1.86 -37.03
C ARG A 78 -32.65 -2.23 -38.05
N GLU A 79 -32.97 -3.53 -38.13
CA GLU A 79 -34.14 -3.95 -38.86
C GLU A 79 -35.35 -3.58 -37.99
N ILE A 80 -35.98 -2.46 -38.34
CA ILE A 80 -36.93 -1.78 -37.45
C ILE A 80 -38.40 -2.00 -37.79
N GLU A 81 -38.69 -2.12 -39.08
CA GLU A 81 -40.05 -2.36 -39.56
C GLU A 81 -40.78 -3.35 -38.66
N GLU A 82 -40.14 -4.51 -38.42
CA GLU A 82 -40.65 -5.55 -37.52
C GLU A 82 -41.26 -5.02 -36.21
N PHE A 83 -40.53 -4.12 -35.53
CA PHE A 83 -41.04 -3.45 -34.33
C PHE A 83 -42.35 -2.72 -34.58
N LEU A 84 -42.42 -1.97 -35.67
CA LEU A 84 -43.61 -1.19 -36.00
C LEU A 84 -44.89 -2.03 -36.10
N SER A 85 -44.78 -3.25 -36.65
CA SER A 85 -45.92 -4.16 -36.79
C SER A 85 -46.51 -4.57 -35.44
N GLU A 86 -45.63 -4.76 -34.47
CA GLU A 86 -46.04 -5.07 -33.11
C GLU A 86 -46.96 -3.97 -32.62
N ALA A 87 -46.51 -2.72 -32.72
CA ALA A 87 -47.31 -1.58 -32.30
C ALA A 87 -48.62 -1.52 -33.08
N ALA A 88 -48.57 -1.91 -34.35
CA ALA A 88 -49.77 -1.94 -35.20
C ALA A 88 -50.77 -2.93 -34.63
N CYS A 89 -50.26 -4.11 -34.28
CA CYS A 89 -51.06 -5.13 -33.66
C CYS A 89 -51.65 -4.64 -32.34
N MET A 90 -50.77 -4.37 -31.37
CA MET A 90 -51.18 -3.80 -30.09
C MET A 90 -52.25 -2.72 -30.23
N LYS A 91 -52.08 -1.79 -31.17
CA LYS A 91 -53.08 -0.73 -31.39
C LYS A 91 -54.48 -1.31 -31.61
N ASP A 92 -54.54 -2.52 -32.13
CA ASP A 92 -55.82 -3.19 -32.36
C ASP A 92 -56.50 -3.68 -31.05
N PHE A 93 -55.69 -3.92 -30.01
CA PHE A 93 -56.22 -4.37 -28.72
C PHE A 93 -57.25 -3.42 -28.16
N SER A 94 -58.38 -3.98 -27.79
CA SER A 94 -59.47 -3.19 -27.24
C SER A 94 -60.18 -3.97 -26.14
N HIS A 95 -59.86 -3.63 -24.90
CA HIS A 95 -60.39 -4.29 -23.71
C HIS A 95 -60.12 -3.39 -22.51
N PRO A 96 -61.12 -3.23 -21.62
CA PRO A 96 -60.94 -2.29 -20.51
C PRO A 96 -59.82 -2.70 -19.55
N ASN A 97 -59.40 -3.97 -19.63
CA ASN A 97 -58.38 -4.49 -18.74
C ASN A 97 -57.05 -4.67 -19.43
N VAL A 98 -56.93 -4.08 -20.61
CA VAL A 98 -55.70 -4.07 -21.37
C VAL A 98 -55.48 -2.65 -21.81
N ILE A 99 -54.26 -2.14 -21.63
CA ILE A 99 -53.91 -0.78 -22.05
C ILE A 99 -54.02 -0.63 -23.56
N ARG A 100 -54.42 0.55 -24.02
CA ARG A 100 -54.50 0.80 -25.45
C ARG A 100 -53.32 1.65 -25.89
N LEU A 101 -52.45 1.08 -26.70
CA LEU A 101 -51.36 1.83 -27.29
C LEU A 101 -51.97 2.79 -28.30
N LEU A 102 -51.59 4.07 -28.20
CA LEU A 102 -52.19 5.14 -28.98
C LEU A 102 -51.47 5.38 -30.31
N GLY A 103 -50.20 4.97 -30.38
CA GLY A 103 -49.39 5.15 -31.59
C GLY A 103 -47.92 5.32 -31.25
N VAL A 104 -47.09 5.49 -32.29
CA VAL A 104 -45.65 5.63 -32.08
C VAL A 104 -45.06 6.86 -32.74
N CYS A 105 -44.01 7.38 -32.13
CA CYS A 105 -43.23 8.48 -32.70
C CYS A 105 -41.83 8.02 -32.96
N ILE A 106 -41.17 8.74 -33.89
CA ILE A 106 -39.81 8.43 -34.26
C ILE A 106 -39.03 9.72 -34.37
N GLU A 107 -38.06 9.89 -33.48
CA GLU A 107 -37.07 10.92 -33.69
C GLU A 107 -35.89 10.28 -34.41
N MET A 108 -35.66 10.72 -35.65
CA MET A 108 -34.70 10.06 -36.53
C MET A 108 -33.32 9.95 -35.89
N SER A 109 -32.73 8.77 -36.00
CA SER A 109 -31.37 8.54 -35.50
C SER A 109 -30.38 9.46 -36.27
N SER A 110 -30.07 10.61 -35.64
CA SER A 110 -29.35 11.70 -36.31
C SER A 110 -27.86 11.44 -36.47
N PRO A 116 -37.40 6.14 -31.36
CA PRO A 116 -38.69 5.44 -31.38
C PRO A 116 -39.40 5.41 -30.00
N MET A 117 -40.60 5.96 -29.97
CA MET A 117 -41.32 6.16 -28.71
C MET A 117 -42.74 5.66 -28.85
N VAL A 118 -43.16 4.78 -27.95
CA VAL A 118 -44.56 4.37 -27.90
C VAL A 118 -45.38 5.38 -27.06
N ILE A 119 -46.63 5.60 -27.47
CA ILE A 119 -47.52 6.56 -26.80
C ILE A 119 -48.70 5.89 -26.11
N LEU A 120 -48.84 6.11 -24.83
CA LEU A 120 -49.88 5.45 -24.06
C LEU A 120 -50.59 6.46 -23.20
N PRO A 121 -51.86 6.19 -22.87
CA PRO A 121 -52.57 7.06 -21.94
C PRO A 121 -51.85 7.16 -20.61
N PHE A 122 -51.81 8.35 -20.04
CA PHE A 122 -51.23 8.52 -18.73
C PHE A 122 -52.19 7.96 -17.67
N MET A 123 -51.63 7.22 -16.72
CA MET A 123 -52.37 6.62 -15.61
C MET A 123 -51.87 7.28 -14.33
N LYS A 124 -52.70 8.15 -13.73
CA LYS A 124 -52.28 8.95 -12.56
C LYS A 124 -51.98 8.12 -11.30
N TYR A 125 -52.66 6.99 -11.15
CA TYR A 125 -52.39 6.15 -10.01
C TYR A 125 -51.12 5.33 -10.12
N GLY A 126 -50.53 5.28 -11.33
CA GLY A 126 -49.25 4.62 -11.56
C GLY A 126 -49.32 3.11 -11.64
N ASP A 127 -48.21 2.45 -11.38
CA ASP A 127 -48.18 0.98 -11.50
C ASP A 127 -48.64 0.32 -10.20
N LEU A 128 -49.20 -0.88 -10.34
CA LEU A 128 -49.85 -1.58 -9.24
C LEU A 128 -48.89 -1.96 -8.13
N HIS A 129 -47.64 -2.26 -8.51
CA HIS A 129 -46.64 -2.69 -7.56
C HIS A 129 -46.37 -1.58 -6.56
N THR A 130 -46.18 -0.35 -7.05
CA THR A 130 -45.76 0.76 -6.21
C THR A 130 -46.94 1.20 -5.35
N TYR A 131 -48.13 0.87 -5.84
CA TYR A 131 -49.34 1.23 -5.17
C TYR A 131 -49.55 0.33 -3.96
N LEU A 132 -49.23 -0.95 -4.13
CA LEU A 132 -49.36 -1.90 -3.03
C LEU A 132 -48.44 -1.49 -1.90
N LEU A 133 -47.21 -1.12 -2.25
CA LEU A 133 -46.25 -0.70 -1.25
C LEU A 133 -46.77 0.55 -0.52
N TYR A 134 -47.15 1.59 -1.27
CA TYR A 134 -47.70 2.82 -0.68
C TYR A 134 -48.81 2.55 0.29
N SER A 135 -49.67 1.57 -0.02
CA SER A 135 -50.80 1.23 0.82
C SER A 135 -50.40 0.69 2.18
N ARG A 136 -49.16 0.22 2.34
CA ARG A 136 -48.66 -0.22 3.66
C ARG A 136 -48.13 0.95 4.50
N LEU A 137 -48.16 2.15 3.94
CA LEU A 137 -47.77 3.39 4.64
C LEU A 137 -48.99 4.28 4.87
N GLU A 138 -48.99 4.99 6.00
CA GLU A 138 -49.88 6.13 6.22
C GLU A 138 -49.61 7.22 5.16
N THR A 139 -50.54 8.15 5.01
CA THR A 139 -50.49 9.19 3.93
C THR A 139 -50.73 8.61 2.54
N GLY A 140 -50.18 7.43 2.26
CA GLY A 140 -50.55 6.68 1.06
C GLY A 140 -51.92 6.02 1.22
N PRO A 141 -52.51 5.56 0.10
CA PRO A 141 -53.79 4.84 0.00
C PRO A 141 -54.06 3.96 1.21
N LYS A 142 -55.31 3.96 1.68
CA LYS A 142 -55.73 3.15 2.83
C LYS A 142 -55.40 1.67 2.64
N HIS A 143 -55.37 0.95 3.74
CA HIS A 143 -55.14 -0.49 3.72
C HIS A 143 -56.09 -1.17 2.75
N ILE A 144 -55.55 -1.78 1.70
CA ILE A 144 -56.37 -2.49 0.72
C ILE A 144 -56.93 -3.78 1.32
N PRO A 145 -58.28 -3.88 1.45
CA PRO A 145 -58.84 -5.10 2.03
C PRO A 145 -58.88 -6.24 1.00
N LEU A 146 -59.12 -7.45 1.49
CA LEU A 146 -59.05 -8.66 0.65
C LEU A 146 -59.87 -8.54 -0.64
N GLN A 147 -61.12 -8.10 -0.49
CA GLN A 147 -62.03 -7.89 -1.61
C GLN A 147 -61.40 -7.08 -2.75
N THR A 148 -60.68 -6.01 -2.39
CA THR A 148 -60.00 -5.17 -3.37
C THR A 148 -58.76 -5.85 -4.02
N LEU A 149 -57.99 -6.56 -3.21
CA LEU A 149 -56.93 -7.42 -3.72
C LEU A 149 -57.42 -8.46 -4.73
N LEU A 150 -58.59 -9.02 -4.49
CA LEU A 150 -59.18 -9.94 -5.47
C LEU A 150 -59.64 -9.25 -6.76
N LYS A 151 -60.32 -8.11 -6.62
CA LYS A 151 -60.69 -7.32 -7.79
C LYS A 151 -59.47 -7.08 -8.69
N PHE A 152 -58.35 -6.68 -8.08
CA PHE A 152 -57.10 -6.48 -8.77
C PHE A 152 -56.68 -7.68 -9.64
N MET A 153 -56.80 -8.87 -9.06
CA MET A 153 -56.44 -10.10 -9.72
C MET A 153 -57.42 -10.45 -10.82
N VAL A 154 -58.72 -10.25 -10.55
CA VAL A 154 -59.75 -10.51 -11.55
C VAL A 154 -59.45 -9.68 -12.77
N ASP A 155 -59.29 -8.37 -12.59
CA ASP A 155 -58.95 -7.47 -13.69
C ASP A 155 -57.85 -8.03 -14.59
N ILE A 156 -56.74 -8.46 -13.98
CA ILE A 156 -55.58 -8.98 -14.69
C ILE A 156 -55.92 -10.31 -15.36
N ALA A 157 -56.70 -11.13 -14.65
CA ALA A 157 -57.17 -12.36 -15.21
C ALA A 157 -57.92 -12.01 -16.48
N LEU A 158 -58.85 -11.05 -16.41
CA LEU A 158 -59.63 -10.64 -17.57
C LEU A 158 -58.73 -10.11 -18.72
N GLY A 159 -57.86 -9.15 -18.42
CA GLY A 159 -56.92 -8.66 -19.41
C GLY A 159 -56.15 -9.78 -20.11
N MET A 160 -55.67 -10.75 -19.34
CA MET A 160 -54.92 -11.85 -19.90
C MET A 160 -55.81 -12.84 -20.64
N GLU A 161 -57.06 -12.99 -20.20
CA GLU A 161 -58.03 -13.84 -20.90
C GLU A 161 -58.10 -13.38 -22.35
N TYR A 162 -58.40 -12.10 -22.51
CA TYR A 162 -58.53 -11.46 -23.80
C TYR A 162 -57.30 -11.69 -24.67
N LEU A 163 -56.11 -11.50 -24.09
CA LEU A 163 -54.84 -11.56 -24.85
C LEU A 163 -54.52 -12.97 -25.31
N SER A 164 -54.76 -13.93 -24.41
CA SER A 164 -54.69 -15.36 -24.70
C SER A 164 -55.62 -15.83 -25.84
N ASN A 165 -56.77 -15.17 -26.00
CA ASN A 165 -57.69 -15.44 -27.11
C ASN A 165 -57.12 -14.96 -28.44
N ARG A 166 -56.60 -13.73 -28.44
CA ARG A 166 -55.91 -13.18 -29.60
C ARG A 166 -54.64 -13.97 -29.93
N ASN A 167 -54.33 -14.94 -29.08
CA ASN A 167 -53.13 -15.76 -29.24
C ASN A 167 -51.90 -14.88 -29.12
N PHE A 168 -51.98 -13.92 -28.19
CA PHE A 168 -50.87 -13.01 -27.96
C PHE A 168 -50.12 -13.41 -26.70
N LEU A 169 -48.79 -13.49 -26.86
CA LEU A 169 -47.87 -13.84 -25.77
C LEU A 169 -47.25 -12.62 -25.09
N HIS A 170 -47.53 -12.46 -23.80
CA HIS A 170 -47.14 -11.27 -23.06
C HIS A 170 -45.63 -11.22 -22.80
N ARG A 171 -45.10 -12.21 -22.10
CA ARG A 171 -43.65 -12.40 -21.85
C ARG A 171 -42.98 -11.46 -20.82
N ASP A 172 -43.77 -10.64 -20.12
CA ASP A 172 -43.23 -9.84 -18.99
C ASP A 172 -44.32 -9.40 -18.00
N LEU A 173 -45.17 -10.34 -17.61
CA LEU A 173 -46.23 -10.05 -16.68
C LEU A 173 -45.72 -10.08 -15.25
N ALA A 174 -46.02 -9.01 -14.52
CA ALA A 174 -45.59 -8.81 -13.16
C ALA A 174 -46.40 -7.63 -12.68
N ALA A 175 -46.51 -7.43 -11.37
CA ALA A 175 -47.33 -6.31 -10.86
C ALA A 175 -46.80 -4.91 -11.23
N ARG A 176 -45.50 -4.81 -11.50
CA ARG A 176 -44.89 -3.55 -11.92
C ARG A 176 -45.39 -3.19 -13.31
N ASN A 177 -45.92 -4.18 -14.02
CA ASN A 177 -46.44 -3.96 -15.37
C ASN A 177 -47.95 -4.00 -15.45
N CYS A 178 -48.58 -3.68 -14.35
CA CYS A 178 -50.03 -3.50 -14.30
C CYS A 178 -50.30 -2.11 -13.75
N MET A 179 -51.14 -1.37 -14.47
CA MET A 179 -51.40 0.04 -14.16
C MET A 179 -52.76 0.17 -13.51
N LEU A 180 -52.94 1.23 -12.74
CA LEU A 180 -54.26 1.53 -12.19
C LEU A 180 -54.90 2.66 -12.98
N ARG A 181 -56.11 2.42 -13.46
CA ARG A 181 -56.89 3.46 -14.14
C ARG A 181 -57.39 4.47 -13.13
N ASP A 182 -57.82 5.64 -13.60
CA ASP A 182 -58.40 6.69 -12.74
C ASP A 182 -59.59 6.25 -11.89
N ASP A 183 -60.24 5.17 -12.31
CA ASP A 183 -61.35 4.57 -11.58
C ASP A 183 -60.95 3.26 -10.86
N MET A 184 -59.65 3.08 -10.63
CA MET A 184 -59.11 1.92 -9.89
C MET A 184 -59.26 0.55 -10.55
N THR A 185 -59.62 0.53 -11.85
CA THR A 185 -59.54 -0.67 -12.70
C THR A 185 -58.07 -1.00 -12.94
N VAL A 186 -57.71 -2.28 -12.99
CA VAL A 186 -56.34 -2.62 -13.37
C VAL A 186 -56.32 -3.00 -14.84
N CYS A 187 -55.29 -2.56 -15.55
CA CYS A 187 -55.08 -3.02 -16.88
C CYS A 187 -53.64 -3.46 -17.03
N VAL A 188 -53.40 -4.33 -18.00
CA VAL A 188 -52.09 -4.92 -18.32
C VAL A 188 -51.37 -4.03 -19.32
N ALA A 189 -50.06 -3.86 -19.11
CA ALA A 189 -49.20 -2.97 -19.92
C ALA A 189 -47.85 -3.64 -20.24
N ASP A 190 -46.97 -2.93 -20.95
CA ASP A 190 -45.56 -3.33 -21.14
C ASP A 190 -45.34 -4.66 -21.85
N PHE A 191 -46.41 -5.17 -22.45
CA PHE A 191 -46.36 -6.50 -23.05
C PHE A 191 -45.28 -6.50 -24.10
N GLY A 192 -44.49 -7.57 -24.11
CA GLY A 192 -43.46 -7.75 -25.12
C GLY A 192 -42.42 -6.63 -25.06
N LEU A 193 -42.33 -5.85 -26.14
CA LEU A 193 -41.26 -4.87 -26.33
C LEU A 193 -39.89 -5.58 -26.21
N SER A 194 -39.66 -6.49 -27.16
CA SER A 194 -38.40 -7.26 -27.31
C SER A 194 -38.04 -8.11 -26.09
N PRO A 212 -35.55 -10.46 -15.05
CA PRO A 212 -36.96 -10.84 -14.85
C PRO A 212 -37.08 -12.26 -14.31
N VAL A 213 -35.93 -12.84 -13.94
CA VAL A 213 -35.81 -14.28 -13.72
C VAL A 213 -36.86 -14.88 -12.79
N LYS A 214 -37.23 -14.16 -11.74
CA LYS A 214 -38.18 -14.71 -10.77
C LYS A 214 -39.64 -14.76 -11.22
N TRP A 215 -39.93 -14.33 -12.46
CA TRP A 215 -41.30 -14.47 -13.01
C TRP A 215 -41.39 -15.51 -14.15
N ILE A 216 -40.24 -16.01 -14.60
CA ILE A 216 -40.21 -16.96 -15.71
C ILE A 216 -40.43 -18.42 -15.29
N ALA A 217 -41.24 -19.12 -16.07
CA ALA A 217 -41.60 -20.52 -15.82
C ALA A 217 -40.44 -21.46 -16.11
N ILE A 218 -40.39 -22.56 -15.34
CA ILE A 218 -39.32 -23.55 -15.44
C ILE A 218 -38.90 -23.86 -16.87
N GLU A 219 -39.88 -24.15 -17.73
CA GLU A 219 -39.61 -24.67 -19.07
C GLU A 219 -38.94 -23.62 -19.99
N SER A 220 -39.28 -22.35 -19.74
CA SER A 220 -38.72 -21.21 -20.44
C SER A 220 -37.34 -20.92 -19.94
N LEU A 221 -37.15 -21.13 -18.65
CA LEU A 221 -35.84 -21.03 -18.03
C LEU A 221 -34.90 -22.08 -18.61
N ALA A 222 -35.40 -23.32 -18.68
CA ALA A 222 -34.67 -24.45 -19.20
C ALA A 222 -34.47 -24.40 -20.72
N ASP A 223 -35.57 -24.47 -21.47
CA ASP A 223 -35.49 -24.71 -22.92
C ASP A 223 -35.65 -23.47 -23.81
N ARG A 224 -36.00 -22.32 -23.23
CA ARG A 224 -36.26 -21.06 -23.96
C ARG A 224 -37.68 -20.99 -24.59
N VAL A 225 -38.36 -22.15 -24.63
CA VAL A 225 -39.78 -22.29 -24.99
C VAL A 225 -40.69 -21.29 -24.24
N TYR A 226 -41.66 -20.70 -24.92
CA TYR A 226 -42.64 -19.81 -24.25
C TYR A 226 -44.05 -19.84 -24.86
N THR A 227 -45.04 -20.25 -24.08
CA THR A 227 -46.44 -20.28 -24.53
C THR A 227 -47.31 -19.53 -23.52
N SER A 228 -48.56 -19.26 -23.87
CA SER A 228 -49.44 -18.51 -22.98
C SER A 228 -49.59 -19.17 -21.60
N LYS A 229 -49.25 -20.45 -21.49
CA LYS A 229 -49.15 -21.10 -20.18
C LYS A 229 -47.99 -20.56 -19.34
N SER A 230 -46.92 -20.12 -20.00
CA SER A 230 -45.78 -19.51 -19.33
C SER A 230 -46.21 -18.18 -18.74
N ASP A 231 -47.07 -17.48 -19.46
CA ASP A 231 -47.75 -16.28 -18.95
C ASP A 231 -48.62 -16.60 -17.75
N VAL A 232 -49.33 -17.74 -17.83
CA VAL A 232 -50.15 -18.23 -16.71
C VAL A 232 -49.25 -18.37 -15.48
N TRP A 233 -48.00 -18.76 -15.70
CA TRP A 233 -47.04 -18.88 -14.61
C TRP A 233 -46.72 -17.50 -14.03
N ALA A 234 -46.38 -16.55 -14.90
CA ALA A 234 -46.15 -15.18 -14.49
C ALA A 234 -47.37 -14.63 -13.71
N PHE A 235 -48.57 -14.94 -14.17
CA PHE A 235 -49.75 -14.47 -13.47
C PHE A 235 -49.84 -14.99 -12.04
N GLY A 236 -49.42 -16.23 -11.82
CA GLY A 236 -49.47 -16.82 -10.48
C GLY A 236 -48.55 -16.06 -9.54
N VAL A 237 -47.35 -15.75 -10.03
CA VAL A 237 -46.37 -14.95 -9.32
C VAL A 237 -46.96 -13.58 -9.05
N THR A 238 -47.65 -13.02 -10.03
CA THR A 238 -48.22 -11.69 -9.89
C THR A 238 -49.29 -11.68 -8.80
N MET A 239 -50.12 -12.71 -8.79
CA MET A 239 -51.14 -12.87 -7.77
C MET A 239 -50.52 -12.82 -6.37
N TRP A 240 -49.47 -13.62 -6.19
CA TRP A 240 -48.68 -13.64 -4.95
C TRP A 240 -48.17 -12.24 -4.58
N GLU A 241 -47.59 -11.52 -5.54
CA GLU A 241 -47.18 -10.14 -5.32
C GLU A 241 -48.26 -9.29 -4.71
N ILE A 242 -49.49 -9.47 -5.20
CA ILE A 242 -50.64 -8.79 -4.65
C ILE A 242 -51.02 -9.33 -3.27
N ALA A 243 -51.08 -10.64 -3.11
CA ALA A 243 -51.37 -11.20 -1.81
C ALA A 243 -50.38 -10.68 -0.73
N THR A 244 -49.12 -10.50 -1.11
CA THR A 244 -48.11 -10.09 -0.14
C THR A 244 -47.97 -8.57 -0.06
N ARG A 245 -48.69 -7.85 -0.92
CA ARG A 245 -48.60 -6.38 -0.98
C ARG A 245 -47.17 -5.91 -1.32
N GLY A 246 -46.56 -6.60 -2.28
CA GLY A 246 -45.32 -6.12 -2.92
C GLY A 246 -44.00 -6.74 -2.48
N MET A 247 -44.04 -7.96 -1.97
CA MET A 247 -42.82 -8.67 -1.65
C MET A 247 -42.15 -9.13 -2.93
N THR A 248 -40.82 -9.10 -2.95
CA THR A 248 -40.09 -9.72 -4.03
C THR A 248 -40.35 -11.21 -3.90
N PRO A 249 -40.65 -11.89 -5.01
CA PRO A 249 -40.81 -13.34 -4.95
C PRO A 249 -39.57 -14.09 -4.45
N TYR A 250 -39.82 -15.19 -3.73
CA TYR A 250 -38.76 -16.07 -3.27
C TYR A 250 -37.74 -15.34 -2.36
N PRO A 251 -38.20 -14.86 -1.16
CA PRO A 251 -37.23 -14.33 -0.23
C PRO A 251 -36.28 -15.43 0.23
N GLY A 252 -35.01 -15.09 0.36
CA GLY A 252 -33.99 -16.09 0.71
C GLY A 252 -33.31 -16.69 -0.51
N VAL A 253 -34.03 -16.78 -1.62
CA VAL A 253 -33.49 -17.38 -2.84
C VAL A 253 -32.93 -16.33 -3.80
N GLN A 254 -31.62 -16.34 -3.99
CA GLN A 254 -30.99 -15.46 -4.99
C GLN A 254 -31.34 -15.88 -6.43
N ASN A 255 -31.32 -14.92 -7.35
CA ASN A 255 -31.64 -15.14 -8.77
C ASN A 255 -30.95 -16.32 -9.48
N HIS A 256 -29.63 -16.39 -9.37
CA HIS A 256 -28.87 -17.48 -9.98
C HIS A 256 -29.25 -18.89 -9.50
N GLU A 257 -29.93 -18.99 -8.35
CA GLU A 257 -30.36 -20.26 -7.79
C GLU A 257 -31.72 -20.68 -8.29
N MET A 258 -32.42 -19.79 -8.98
CA MET A 258 -33.83 -20.00 -9.25
C MET A 258 -34.20 -21.28 -9.99
N TYR A 259 -33.48 -21.57 -11.05
CA TYR A 259 -33.82 -22.70 -11.88
C TYR A 259 -33.77 -24.02 -11.10
N ASP A 260 -32.70 -24.19 -10.33
CA ASP A 260 -32.51 -25.41 -9.54
C ASP A 260 -33.44 -25.47 -8.33
N TYR A 261 -33.82 -24.30 -7.83
CA TYR A 261 -34.73 -24.22 -6.71
C TYR A 261 -36.10 -24.73 -7.15
N LEU A 262 -36.50 -24.33 -8.36
CA LEU A 262 -37.74 -24.83 -8.94
C LEU A 262 -37.62 -26.29 -9.39
N LEU A 263 -36.47 -26.65 -9.95
CA LEU A 263 -36.27 -27.99 -10.49
C LEU A 263 -36.51 -29.09 -9.43
N HIS A 264 -36.16 -28.79 -8.18
CA HIS A 264 -36.42 -29.69 -7.07
C HIS A 264 -37.83 -29.51 -6.50
N GLY A 265 -38.72 -28.92 -7.29
CA GLY A 265 -40.15 -28.83 -6.93
C GLY A 265 -40.57 -27.82 -5.88
N HIS A 266 -39.68 -26.87 -5.55
CA HIS A 266 -40.01 -25.81 -4.60
C HIS A 266 -40.78 -24.65 -5.24
N ARG A 267 -41.73 -24.09 -4.48
CA ARG A 267 -42.60 -23.04 -4.99
C ARG A 267 -42.61 -21.83 -4.07
N LEU A 268 -43.29 -20.75 -4.49
CA LEU A 268 -43.58 -19.63 -3.59
C LEU A 268 -44.42 -20.12 -2.40
N LYS A 269 -44.12 -19.60 -1.23
CA LYS A 269 -44.82 -20.06 -0.05
C LYS A 269 -46.13 -19.31 0.11
N GLN A 270 -47.07 -19.93 0.83
CA GLN A 270 -48.35 -19.28 1.08
C GLN A 270 -48.16 -18.06 2.00
N PRO A 271 -48.68 -16.87 1.60
CA PRO A 271 -48.73 -15.66 2.43
C PRO A 271 -49.49 -15.87 3.75
N GLU A 272 -49.24 -14.98 4.71
CA GLU A 272 -49.65 -15.16 6.10
C GLU A 272 -51.12 -15.46 6.32
N ASP A 273 -52.00 -14.52 6.03
CA ASP A 273 -53.43 -14.77 6.31
C ASP A 273 -54.25 -14.97 5.04
N CYS A 274 -53.67 -15.77 4.15
N CYS A 274 -53.67 -15.67 4.08
CA CYS A 274 -54.25 -16.03 2.87
CA CYS A 274 -54.39 -15.84 2.84
C CYS A 274 -55.14 -17.26 2.93
C CYS A 274 -55.07 -17.21 2.74
N LEU A 275 -56.34 -17.15 2.36
CA LEU A 275 -57.25 -18.29 2.23
C LEU A 275 -56.64 -19.41 1.37
N ASP A 276 -56.68 -20.64 1.88
CA ASP A 276 -56.19 -21.80 1.15
C ASP A 276 -56.70 -21.85 -0.30
N GLU A 277 -57.94 -21.44 -0.51
CA GLU A 277 -58.55 -21.38 -1.83
C GLU A 277 -57.71 -20.50 -2.76
N LEU A 278 -57.39 -19.30 -2.30
CA LEU A 278 -56.59 -18.37 -3.08
C LEU A 278 -55.22 -18.96 -3.31
N TYR A 279 -54.67 -19.58 -2.29
CA TYR A 279 -53.37 -20.20 -2.47
C TYR A 279 -53.41 -21.38 -3.48
N GLU A 280 -54.44 -22.21 -3.42
CA GLU A 280 -54.60 -23.32 -4.37
C GLU A 280 -54.56 -22.78 -5.80
N ILE A 281 -55.25 -21.65 -5.99
CA ILE A 281 -55.40 -21.04 -7.29
C ILE A 281 -54.05 -20.60 -7.83
N MET A 282 -53.28 -19.89 -7.00
CA MET A 282 -51.96 -19.45 -7.48
C MET A 282 -50.99 -20.61 -7.71
N TYR A 283 -51.12 -21.65 -6.90
CA TYR A 283 -50.24 -22.80 -6.97
C TYR A 283 -50.48 -23.59 -8.24
N SER A 284 -51.75 -23.70 -8.63
CA SER A 284 -52.06 -24.36 -9.89
C SER A 284 -51.33 -23.71 -11.08
N CYS A 285 -51.01 -22.42 -10.97
CA CYS A 285 -50.29 -21.70 -12.01
C CYS A 285 -48.87 -22.18 -12.20
N TRP A 286 -48.32 -22.88 -11.21
CA TRP A 286 -46.93 -23.31 -11.28
C TRP A 286 -46.72 -24.81 -11.31
N ARG A 287 -47.70 -25.58 -11.77
CA ARG A 287 -47.50 -27.02 -11.94
C ARG A 287 -46.42 -27.24 -13.00
N THR A 288 -45.66 -28.32 -12.88
CA THR A 288 -44.45 -28.47 -13.70
C THR A 288 -44.75 -28.56 -15.20
N ASP A 289 -45.74 -29.37 -15.57
CA ASP A 289 -46.11 -29.47 -16.97
C ASP A 289 -47.04 -28.32 -17.36
N PRO A 290 -46.66 -27.53 -18.38
CA PRO A 290 -47.51 -26.42 -18.81
C PRO A 290 -48.96 -26.85 -19.06
N LEU A 291 -49.13 -28.07 -19.54
CA LEU A 291 -50.43 -28.57 -19.94
C LEU A 291 -51.38 -28.72 -18.76
N ASP A 292 -50.83 -29.01 -17.59
CA ASP A 292 -51.62 -29.16 -16.36
C ASP A 292 -52.14 -27.85 -15.81
N ARG A 293 -51.40 -26.77 -16.05
CA ARG A 293 -51.80 -25.44 -15.61
C ARG A 293 -53.16 -25.07 -16.22
N PRO A 294 -54.03 -24.40 -15.42
CA PRO A 294 -55.30 -23.92 -15.97
C PRO A 294 -55.09 -22.82 -17.02
N THR A 295 -56.14 -22.53 -17.79
CA THR A 295 -56.15 -21.40 -18.75
C THR A 295 -56.66 -20.14 -18.07
N PHE A 296 -56.43 -18.98 -18.69
CA PHE A 296 -56.83 -17.70 -18.10
C PHE A 296 -58.32 -17.59 -17.86
N SER A 297 -59.14 -18.13 -18.77
CA SER A 297 -60.59 -18.13 -18.57
C SER A 297 -61.04 -19.11 -17.48
N VAL A 298 -60.29 -20.19 -17.27
CA VAL A 298 -60.55 -21.08 -16.16
C VAL A 298 -60.21 -20.37 -14.85
N LEU A 299 -59.14 -19.60 -14.87
CA LEU A 299 -58.67 -18.90 -13.70
C LEU A 299 -59.61 -17.77 -13.34
N ARG A 300 -59.94 -16.97 -14.33
CA ARG A 300 -60.76 -15.80 -14.13
C ARG A 300 -62.02 -16.14 -13.36
N LEU A 301 -62.69 -17.22 -13.78
CA LEU A 301 -63.97 -17.60 -13.20
C LEU A 301 -63.82 -18.06 -11.75
N GLN A 302 -62.68 -18.68 -11.45
CA GLN A 302 -62.39 -19.13 -10.08
C GLN A 302 -62.26 -17.96 -9.12
N LEU A 303 -61.57 -16.92 -9.57
CA LEU A 303 -61.40 -15.68 -8.78
C LEU A 303 -62.72 -14.93 -8.58
N GLU A 304 -63.53 -14.87 -9.64
CA GLU A 304 -64.82 -14.18 -9.59
C GLU A 304 -65.73 -14.86 -8.58
N LYS A 305 -65.77 -16.20 -8.63
CA LYS A 305 -66.61 -16.99 -7.73
C LYS A 305 -66.14 -16.90 -6.29
N LEU A 306 -64.81 -16.80 -6.10
CA LEU A 306 -64.24 -16.61 -4.77
C LEU A 306 -64.62 -15.25 -4.19
N LEU A 307 -64.58 -14.24 -5.03
CA LEU A 307 -64.91 -12.89 -4.63
C LEU A 307 -66.35 -12.86 -4.13
N GLU A 308 -67.23 -13.57 -4.86
CA GLU A 308 -68.62 -13.75 -4.43
C GLU A 308 -68.72 -14.41 -3.05
N SER A 309 -67.85 -15.39 -2.79
N SER A 309 -67.86 -15.39 -2.79
CA SER A 309 -67.88 -16.17 -1.54
CA SER A 309 -67.91 -16.17 -1.53
C SER A 309 -67.64 -15.32 -0.29
C SER A 309 -67.63 -15.33 -0.29
N LEU A 310 -66.86 -14.25 -0.46
CA LEU A 310 -66.53 -13.34 0.64
C LEU A 310 -67.73 -12.49 1.06
N PRO A 311 -67.81 -12.13 2.35
CA PRO A 311 -68.87 -11.21 2.80
C PRO A 311 -68.79 -9.86 2.08
N ASP A 312 -69.88 -9.08 2.16
CA ASP A 312 -70.01 -7.82 1.42
C ASP A 312 -69.29 -6.67 2.13
N LYS B 25 2.37 -6.99 16.81
CA LYS B 25 1.56 -7.25 18.04
C LYS B 25 0.29 -8.08 17.75
N LEU B 26 -0.64 -7.52 16.97
CA LEU B 26 -1.85 -8.24 16.57
C LEU B 26 -1.53 -9.27 15.49
N GLU B 27 -0.95 -10.40 15.91
CA GLU B 27 -0.63 -11.51 15.00
C GLU B 27 -1.34 -12.78 15.50
N ASP B 28 -1.76 -12.74 16.75
CA ASP B 28 -2.53 -13.82 17.34
C ASP B 28 -4.00 -13.75 16.85
N VAL B 29 -4.40 -12.62 16.30
CA VAL B 29 -5.70 -12.48 15.64
C VAL B 29 -5.80 -13.49 14.49
N VAL B 30 -4.68 -13.72 13.80
CA VAL B 30 -4.55 -14.73 12.74
C VAL B 30 -4.76 -16.13 13.32
N ILE B 31 -5.55 -16.94 12.61
CA ILE B 31 -5.77 -18.34 12.96
C ILE B 31 -5.12 -19.25 11.91
N ASP B 32 -4.52 -20.34 12.36
CA ASP B 32 -3.89 -21.30 11.46
C ASP B 32 -4.89 -21.96 10.48
N ARG B 33 -4.68 -21.72 9.19
CA ARG B 33 -5.57 -22.16 8.11
C ARG B 33 -6.08 -23.60 8.21
N ASN B 34 -5.26 -24.49 8.78
CA ASN B 34 -5.65 -25.89 8.87
C ASN B 34 -6.51 -26.21 10.10
N LEU B 35 -6.59 -25.27 11.05
CA LEU B 35 -7.57 -25.34 12.13
C LEU B 35 -8.96 -25.13 11.57
N LEU B 36 -9.03 -24.80 10.28
CA LEU B 36 -10.28 -24.38 9.66
C LEU B 36 -10.68 -25.27 8.48
N ILE B 37 -11.95 -25.62 8.45
CA ILE B 37 -12.51 -26.41 7.37
C ILE B 37 -13.78 -25.76 6.79
N LEU B 38 -13.82 -25.60 5.47
CA LEU B 38 -14.92 -24.90 4.81
C LEU B 38 -15.99 -25.83 4.27
N GLY B 39 -17.23 -25.36 4.23
CA GLY B 39 -18.34 -26.14 3.68
C GLY B 39 -19.00 -25.50 2.49
N LYS B 40 -20.32 -25.68 2.37
CA LYS B 40 -21.11 -25.11 1.27
C LYS B 40 -21.13 -23.56 1.32
N ILE B 41 -21.42 -22.92 0.19
CA ILE B 41 -21.58 -21.47 0.16
C ILE B 41 -22.97 -21.06 0.67
N LEU B 42 -23.04 -19.98 1.44
CA LEU B 42 -24.33 -19.48 1.97
C LEU B 42 -24.82 -18.20 1.29
N GLY B 43 -23.98 -17.63 0.42
CA GLY B 43 -24.32 -16.39 -0.27
C GLY B 43 -23.12 -15.76 -0.95
N GLU B 44 -23.39 -14.99 -2.01
CA GLU B 44 -22.38 -14.28 -2.79
C GLU B 44 -22.85 -12.86 -3.14
N GLU B 46 -21.40 -8.86 -4.57
CA GLU B 46 -20.35 -8.39 -5.52
C GLU B 46 -18.96 -8.44 -4.86
N PHE B 47 -18.92 -8.05 -3.58
CA PHE B 47 -17.69 -8.05 -2.77
C PHE B 47 -17.06 -9.45 -2.66
N GLY B 48 -17.58 -10.30 -1.78
CA GLY B 48 -17.03 -11.63 -1.60
C GLY B 48 -18.05 -12.76 -1.62
N SER B 49 -17.85 -13.74 -0.75
CA SER B 49 -18.79 -14.85 -0.55
C SER B 49 -18.76 -15.40 0.88
N VAL B 50 -19.92 -15.68 1.44
CA VAL B 50 -19.96 -16.22 2.79
C VAL B 50 -20.13 -17.76 2.77
N MET B 51 -19.33 -18.46 3.57
CA MET B 51 -19.38 -19.93 3.67
C MET B 51 -19.51 -20.44 5.10
N GLU B 52 -20.18 -21.59 5.23
CA GLU B 52 -20.21 -22.37 6.48
C GLU B 52 -18.90 -23.14 6.66
N GLY B 53 -18.50 -23.32 7.91
CA GLY B 53 -17.30 -24.08 8.23
C GLY B 53 -17.18 -24.56 9.67
N ASN B 54 -16.10 -25.29 9.92
CA ASN B 54 -15.75 -25.76 11.25
C ASN B 54 -14.40 -25.18 11.64
N LEU B 55 -14.35 -24.69 12.88
CA LEU B 55 -13.13 -24.19 13.47
C LEU B 55 -12.74 -25.12 14.60
N LYS B 56 -11.52 -25.62 14.56
CA LYS B 56 -11.01 -26.46 15.63
C LYS B 56 -10.38 -25.56 16.71
N GLN B 57 -10.60 -25.92 17.97
CA GLN B 57 -10.24 -25.04 19.08
C GLN B 57 -9.19 -25.59 20.03
N GLU B 58 -8.96 -24.84 21.12
CA GLU B 58 -8.03 -25.25 22.19
C GLU B 58 -8.58 -26.51 22.86
N ASP B 59 -9.87 -26.47 23.18
CA ASP B 59 -10.67 -27.61 23.65
C ASP B 59 -10.39 -28.94 22.99
N GLY B 60 -10.04 -28.92 21.71
CA GLY B 60 -10.13 -30.11 20.88
C GLY B 60 -11.47 -30.14 20.16
N THR B 61 -12.51 -29.59 20.79
CA THR B 61 -13.84 -29.51 20.17
C THR B 61 -13.86 -28.54 19.00
N SER B 62 -14.81 -28.74 18.09
CA SER B 62 -15.01 -27.84 16.96
C SER B 62 -16.22 -26.94 17.16
N LEU B 63 -16.17 -25.76 16.57
CA LEU B 63 -17.27 -24.80 16.67
C LEU B 63 -17.77 -24.41 15.28
N LYS B 64 -19.09 -24.33 15.15
CA LYS B 64 -19.69 -23.93 13.87
C LYS B 64 -19.48 -22.45 13.63
N VAL B 65 -18.98 -22.13 12.44
CA VAL B 65 -18.56 -20.77 12.08
C VAL B 65 -19.06 -20.35 10.70
N ALA B 66 -19.07 -19.04 10.45
CA ALA B 66 -19.28 -18.50 9.10
C ALA B 66 -18.01 -17.78 8.60
N VAL B 67 -17.66 -18.02 7.34
CA VAL B 67 -16.38 -17.55 6.81
C VAL B 67 -16.58 -16.58 5.67
N LYS B 68 -16.20 -15.33 5.91
CA LYS B 68 -16.33 -14.26 4.93
C LYS B 68 -15.03 -14.05 4.17
N THR B 69 -15.12 -14.05 2.83
CA THR B 69 -13.95 -13.88 1.96
C THR B 69 -14.04 -12.57 1.19
N MET B 70 -12.91 -11.87 1.07
CA MET B 70 -12.82 -10.65 0.25
C MET B 70 -11.47 -10.56 -0.47
N LYS B 71 -11.12 -9.40 -1.04
CA LYS B 71 -9.88 -9.30 -1.82
C LYS B 71 -9.10 -8.00 -1.66
N LEU B 72 -7.78 -8.13 -1.86
CA LEU B 72 -6.80 -7.03 -1.84
C LEU B 72 -6.86 -6.11 -3.07
N ILE B 80 -1.85 -4.28 3.16
CA ILE B 80 -2.83 -5.19 3.78
C ILE B 80 -2.80 -5.15 5.30
N GLU B 81 -1.61 -4.92 5.87
CA GLU B 81 -1.43 -4.82 7.32
C GLU B 81 -2.59 -4.04 7.94
N GLU B 82 -2.87 -2.86 7.38
CA GLU B 82 -3.97 -1.98 7.80
C GLU B 82 -5.28 -2.74 8.06
N PHE B 83 -5.68 -3.61 7.13
CA PHE B 83 -6.86 -4.47 7.30
C PHE B 83 -6.79 -5.32 8.57
N LEU B 84 -5.64 -5.95 8.79
CA LEU B 84 -5.46 -6.84 9.93
C LEU B 84 -5.71 -6.17 11.28
N SER B 85 -5.29 -4.91 11.42
CA SER B 85 -5.52 -4.13 12.64
C SER B 85 -7.01 -3.96 12.96
N GLU B 86 -7.81 -3.75 11.91
CA GLU B 86 -9.25 -3.65 12.06
C GLU B 86 -9.77 -4.90 12.75
N ALA B 87 -9.42 -6.06 12.21
CA ALA B 87 -9.82 -7.34 12.81
C ALA B 87 -9.31 -7.49 14.23
N ALA B 88 -8.12 -6.94 14.50
CA ALA B 88 -7.54 -6.97 15.83
C ALA B 88 -8.42 -6.20 16.78
N CYS B 89 -8.80 -4.99 16.35
CA CYS B 89 -9.69 -4.15 17.10
C CYS B 89 -11.00 -4.90 17.34
N MET B 90 -11.74 -5.15 16.25
CA MET B 90 -12.99 -5.89 16.32
C MET B 90 -12.91 -7.05 17.29
N LYS B 91 -11.88 -7.88 17.18
CA LYS B 91 -11.71 -9.02 18.09
C LYS B 91 -11.87 -8.61 19.56
N ASP B 92 -11.54 -7.35 19.84
CA ASP B 92 -11.62 -6.85 21.22
C ASP B 92 -13.06 -6.57 21.65
N PHE B 93 -13.96 -6.38 20.69
CA PHE B 93 -15.38 -6.14 21.01
C PHE B 93 -15.98 -7.28 21.80
N SER B 94 -16.66 -6.91 22.88
CA SER B 94 -17.30 -7.87 23.76
C SER B 94 -18.61 -7.31 24.31
N HIS B 95 -19.71 -7.74 23.70
CA HIS B 95 -21.05 -7.29 24.05
C HIS B 95 -22.01 -8.30 23.42
N PRO B 96 -23.09 -8.67 24.17
CA PRO B 96 -24.00 -9.70 23.68
C PRO B 96 -24.76 -9.27 22.44
N ASN B 97 -24.79 -7.97 22.17
CA ASN B 97 -25.52 -7.43 21.05
C ASN B 97 -24.61 -6.99 19.91
N VAL B 98 -23.36 -7.42 20.00
CA VAL B 98 -22.38 -7.20 18.96
C VAL B 98 -21.75 -8.55 18.70
N ILE B 99 -21.60 -8.90 17.42
CA ILE B 99 -21.00 -10.16 17.01
C ILE B 99 -19.55 -10.15 17.42
N ARG B 100 -18.99 -11.31 17.77
CA ARG B 100 -17.56 -11.36 18.06
C ARG B 100 -16.78 -11.98 16.93
N LEU B 101 -15.89 -11.20 16.34
CA LEU B 101 -15.00 -11.73 15.35
C LEU B 101 -14.00 -12.66 16.05
N LEU B 102 -13.87 -13.88 15.52
CA LEU B 102 -13.07 -14.93 16.15
C LEU B 102 -11.61 -14.95 15.69
N GLY B 103 -11.35 -14.43 14.51
CA GLY B 103 -10.00 -14.40 13.95
C GLY B 103 -10.02 -14.35 12.43
N VAL B 104 -8.83 -14.29 11.83
CA VAL B 104 -8.73 -14.26 10.38
C VAL B 104 -7.79 -15.33 9.83
N CYS B 105 -8.12 -15.80 8.64
CA CYS B 105 -7.26 -16.70 7.88
C CYS B 105 -6.78 -16.02 6.62
N ILE B 106 -5.68 -16.55 6.07
CA ILE B 106 -5.10 -16.01 4.86
C ILE B 106 -4.66 -17.17 3.98
N GLU B 107 -5.30 -17.30 2.82
CA GLU B 107 -4.76 -18.18 1.79
C GLU B 107 -3.96 -17.32 0.84
N MET B 108 -2.65 -17.57 0.83
CA MET B 108 -1.69 -16.71 0.13
C MET B 108 -1.98 -16.52 -1.37
N PRO B 116 -7.77 -13.76 2.16
CA PRO B 116 -8.09 -13.24 3.48
C PRO B 116 -9.56 -13.47 3.87
N MET B 117 -9.76 -14.17 4.99
CA MET B 117 -11.09 -14.62 5.42
C MET B 117 -11.32 -14.28 6.87
N VAL B 118 -12.40 -13.57 7.18
CA VAL B 118 -12.78 -13.35 8.57
C VAL B 118 -13.60 -14.54 9.09
N ILE B 119 -13.38 -14.90 10.36
CA ILE B 119 -14.10 -16.04 11.00
C ILE B 119 -15.07 -15.58 12.08
N LEU B 120 -16.32 -15.97 11.92
CA LEU B 120 -17.38 -15.53 12.82
C LEU B 120 -18.20 -16.71 13.26
N PRO B 121 -18.80 -16.63 14.44
CA PRO B 121 -19.72 -17.68 14.87
C PRO B 121 -20.84 -17.85 13.85
N PHE B 122 -21.21 -19.08 13.56
CA PHE B 122 -22.37 -19.33 12.70
C PHE B 122 -23.67 -19.04 13.48
N MET B 123 -24.58 -18.32 12.85
CA MET B 123 -25.88 -17.95 13.40
C MET B 123 -26.95 -18.67 12.58
N LYS B 124 -27.59 -19.69 13.18
CA LYS B 124 -28.52 -20.56 12.42
C LYS B 124 -29.78 -19.84 11.95
N TYR B 125 -30.24 -18.86 12.72
CA TYR B 125 -31.43 -18.11 12.31
C TYR B 125 -31.17 -17.13 11.18
N GLY B 126 -29.89 -16.86 10.87
CA GLY B 126 -29.52 -16.04 9.73
C GLY B 126 -29.67 -14.57 9.98
N ASP B 127 -29.83 -13.78 8.91
CA ASP B 127 -29.90 -12.34 9.07
C ASP B 127 -31.34 -11.88 9.31
N LEU B 128 -31.47 -10.81 10.09
CA LEU B 128 -32.75 -10.25 10.52
C LEU B 128 -33.67 -9.86 9.34
N HIS B 129 -33.09 -9.37 8.26
CA HIS B 129 -33.89 -8.92 7.15
C HIS B 129 -34.69 -10.09 6.57
N THR B 130 -33.99 -11.21 6.31
CA THR B 130 -34.60 -12.34 5.62
C THR B 130 -35.60 -13.03 6.55
N TYR B 131 -35.41 -12.81 7.84
CA TYR B 131 -36.23 -13.42 8.86
C TYR B 131 -37.55 -12.69 8.90
N LEU B 132 -37.49 -11.35 8.80
CA LEU B 132 -38.70 -10.55 8.78
C LEU B 132 -39.58 -10.94 7.60
N LEU B 133 -38.96 -11.07 6.43
CA LEU B 133 -39.68 -11.52 5.25
C LEU B 133 -40.29 -12.90 5.49
N TYR B 134 -39.50 -13.88 5.91
CA TYR B 134 -40.01 -15.24 6.19
C TYR B 134 -41.23 -15.23 7.11
N SER B 135 -41.21 -14.34 8.11
CA SER B 135 -42.27 -14.25 9.08
C SER B 135 -43.58 -13.82 8.46
N ARG B 136 -43.53 -13.38 7.21
CA ARG B 136 -44.74 -12.93 6.52
C ARG B 136 -45.32 -14.07 5.70
N LEU B 137 -44.65 -15.21 5.74
CA LEU B 137 -45.12 -16.42 5.08
C LEU B 137 -45.45 -17.50 6.10
N GLU B 138 -46.45 -18.32 5.80
CA GLU B 138 -46.69 -19.57 6.52
C GLU B 138 -45.45 -20.48 6.36
N THR B 139 -45.37 -21.52 7.19
CA THR B 139 -44.17 -22.40 7.27
C THR B 139 -42.93 -21.70 7.84
N GLY B 140 -42.74 -20.43 7.50
CA GLY B 140 -41.72 -19.62 8.18
C GLY B 140 -42.23 -19.18 9.56
N PRO B 141 -41.32 -18.66 10.41
CA PRO B 141 -41.56 -18.13 11.77
C PRO B 141 -42.90 -17.39 11.90
N LYS B 142 -43.60 -17.63 13.01
CA LYS B 142 -44.90 -17.00 13.27
C LYS B 142 -44.86 -15.47 13.11
N HIS B 143 -46.04 -14.89 12.93
CA HIS B 143 -46.19 -13.45 12.87
C HIS B 143 -45.52 -12.80 14.07
N ILE B 144 -44.44 -12.03 13.82
CA ILE B 144 -43.74 -11.31 14.88
C ILE B 144 -44.61 -10.17 15.45
N PRO B 145 -45.03 -10.26 16.73
CA PRO B 145 -45.86 -9.19 17.30
C PRO B 145 -45.04 -7.97 17.66
N LEU B 146 -45.72 -6.88 17.95
CA LEU B 146 -45.08 -5.58 18.16
C LEU B 146 -43.94 -5.65 19.19
N GLN B 147 -44.25 -6.28 20.32
CA GLN B 147 -43.31 -6.48 21.43
C GLN B 147 -41.98 -7.05 20.97
N THR B 148 -42.03 -8.04 20.09
CA THR B 148 -40.84 -8.67 19.54
C THR B 148 -40.07 -7.77 18.54
N LEU B 149 -40.82 -7.01 17.73
CA LEU B 149 -40.22 -6.03 16.83
C LEU B 149 -39.45 -4.97 17.59
N LEU B 150 -40.00 -4.53 18.73
CA LEU B 150 -39.29 -3.61 19.62
C LEU B 150 -38.03 -4.23 20.27
N LYS B 151 -38.16 -5.44 20.80
CA LYS B 151 -37.00 -6.12 21.35
C LYS B 151 -35.86 -6.14 20.30
N PHE B 152 -36.21 -6.41 19.05
CA PHE B 152 -35.25 -6.38 17.95
C PHE B 152 -34.48 -5.06 17.87
N MET B 153 -35.23 -3.96 17.92
CA MET B 153 -34.67 -2.62 17.88
C MET B 153 -33.83 -2.29 19.11
N VAL B 154 -34.33 -2.65 20.30
CA VAL B 154 -33.58 -2.45 21.53
C VAL B 154 -32.19 -3.09 21.38
N ASP B 155 -32.17 -4.38 21.08
CA ASP B 155 -30.93 -5.14 20.87
C ASP B 155 -29.92 -4.35 20.04
N ILE B 156 -30.38 -3.82 18.91
CA ILE B 156 -29.53 -3.09 17.99
C ILE B 156 -29.13 -1.77 18.62
N ALA B 157 -30.07 -1.13 19.28
CA ALA B 157 -29.77 0.08 20.00
C ALA B 157 -28.62 -0.19 20.98
N LEU B 158 -28.76 -1.24 21.78
CA LEU B 158 -27.73 -1.65 22.70
C LEU B 158 -26.37 -1.94 22.02
N GLY B 159 -26.39 -2.74 20.96
CA GLY B 159 -25.16 -3.03 20.21
C GLY B 159 -24.45 -1.77 19.73
N MET B 160 -25.23 -0.84 19.20
CA MET B 160 -24.70 0.41 18.70
C MET B 160 -24.26 1.35 19.84
N GLU B 161 -24.98 1.30 20.97
CA GLU B 161 -24.62 2.09 22.15
C GLU B 161 -23.18 1.81 22.52
N TYR B 162 -22.88 0.52 22.70
CA TYR B 162 -21.55 0.02 22.98
C TYR B 162 -20.50 0.48 21.98
N LEU B 163 -20.80 0.38 20.68
CA LEU B 163 -19.83 0.69 19.64
C LEU B 163 -19.52 2.19 19.54
N SER B 164 -20.57 3.00 19.68
CA SER B 164 -20.46 4.44 19.81
C SER B 164 -19.55 4.87 20.99
N ASN B 165 -19.57 4.11 22.09
CA ASN B 165 -18.72 4.41 23.25
C ASN B 165 -17.26 4.16 22.93
N ARG B 166 -17.03 3.04 22.23
CA ARG B 166 -15.71 2.62 21.82
C ARG B 166 -15.22 3.55 20.71
N ASN B 167 -16.06 4.54 20.38
CA ASN B 167 -15.82 5.50 19.30
C ASN B 167 -15.58 4.78 17.98
N PHE B 168 -16.36 3.73 17.78
CA PHE B 168 -16.25 2.97 16.58
C PHE B 168 -17.35 3.34 15.61
N LEU B 169 -16.96 3.59 14.36
CA LEU B 169 -17.90 3.94 13.27
C LEU B 169 -18.27 2.73 12.39
N HIS B 170 -19.55 2.37 12.44
CA HIS B 170 -20.04 1.18 11.74
C HIS B 170 -20.02 1.29 10.19
N ARG B 171 -20.71 2.30 9.64
CA ARG B 171 -20.73 2.63 8.20
C ARG B 171 -21.49 1.69 7.25
N ASP B 172 -22.22 0.71 7.78
CA ASP B 172 -23.11 -0.12 6.92
C ASP B 172 -24.20 -0.82 7.71
N LEU B 173 -24.88 -0.06 8.57
CA LEU B 173 -25.93 -0.61 9.39
C LEU B 173 -27.22 -0.67 8.59
N ALA B 174 -27.90 -1.81 8.66
CA ALA B 174 -29.13 -2.08 7.92
C ALA B 174 -29.56 -3.41 8.47
N ALA B 175 -30.81 -3.81 8.25
CA ALA B 175 -31.32 -5.06 8.83
C ALA B 175 -30.67 -6.32 8.26
N ARG B 176 -30.15 -6.24 7.03
N ARG B 176 -30.15 -6.22 7.03
CA ARG B 176 -29.48 -7.39 6.44
CA ARG B 176 -29.44 -7.33 6.39
C ARG B 176 -28.11 -7.59 7.09
C ARG B 176 -28.14 -7.61 7.15
N ASN B 177 -27.66 -6.61 7.87
CA ASN B 177 -26.43 -6.73 8.65
C ASN B 177 -26.59 -6.94 10.14
N CYS B 178 -27.76 -7.44 10.53
CA CYS B 178 -28.05 -7.81 11.91
C CYS B 178 -28.44 -9.28 11.88
N MET B 179 -27.89 -10.05 12.81
CA MET B 179 -28.03 -11.49 12.84
C MET B 179 -28.91 -11.88 14.01
N LEU B 180 -29.56 -13.03 13.93
CA LEU B 180 -30.28 -13.55 15.09
C LEU B 180 -29.47 -14.66 15.74
N ARG B 181 -29.27 -14.54 17.05
CA ARG B 181 -28.61 -15.59 17.82
C ARG B 181 -29.55 -16.75 18.00
N ASP B 182 -29.03 -17.89 18.44
CA ASP B 182 -29.84 -19.08 18.68
C ASP B 182 -30.96 -18.87 19.70
N ASP B 183 -30.81 -17.86 20.55
CA ASP B 183 -31.81 -17.51 21.55
C ASP B 183 -32.60 -16.26 21.14
N MET B 184 -32.61 -15.94 19.85
CA MET B 184 -33.38 -14.82 19.29
C MET B 184 -32.96 -13.43 19.74
N THR B 185 -31.77 -13.31 20.32
CA THR B 185 -31.09 -12.02 20.54
C THR B 185 -30.63 -11.47 19.19
N VAL B 186 -30.67 -10.16 18.97
CA VAL B 186 -30.06 -9.60 17.77
C VAL B 186 -28.68 -9.08 18.10
N CYS B 187 -27.74 -9.30 17.19
CA CYS B 187 -26.47 -8.64 17.29
C CYS B 187 -26.07 -7.99 15.98
N VAL B 188 -25.22 -6.98 16.07
CA VAL B 188 -24.76 -6.21 14.90
C VAL B 188 -23.56 -6.89 14.29
N ALA B 189 -23.52 -6.92 12.95
CA ALA B 189 -22.42 -7.56 12.19
C ALA B 189 -21.94 -6.70 11.00
N ASP B 190 -20.95 -7.22 10.25
CA ASP B 190 -20.54 -6.63 8.96
C ASP B 190 -20.00 -5.21 9.02
N PHE B 191 -19.67 -4.77 10.23
CA PHE B 191 -19.25 -3.41 10.45
C PHE B 191 -18.01 -3.16 9.63
N GLY B 192 -17.98 -1.98 9.01
CA GLY B 192 -16.83 -1.56 8.21
C GLY B 192 -16.56 -2.51 7.06
N LEU B 193 -15.40 -3.18 7.11
CA LEU B 193 -14.87 -3.98 6.02
C LEU B 193 -14.80 -3.15 4.73
N SER B 194 -13.94 -2.12 4.78
CA SER B 194 -13.72 -1.17 3.68
C SER B 194 -14.99 -0.40 3.21
N PRO B 212 -25.54 1.03 -1.26
CA PRO B 212 -26.06 1.18 0.10
C PRO B 212 -26.83 2.50 0.26
N VAL B 213 -27.06 3.16 -0.88
CA VAL B 213 -27.40 4.59 -0.91
C VAL B 213 -28.56 4.95 0.00
N LYS B 214 -29.55 4.08 0.08
CA LYS B 214 -30.78 4.36 0.86
C LYS B 214 -30.64 4.28 2.39
N TRP B 215 -29.45 3.99 2.88
CA TRP B 215 -29.19 3.99 4.33
C TRP B 215 -28.26 5.14 4.77
N ILE B 216 -27.65 5.83 3.80
CA ILE B 216 -26.68 6.87 4.08
C ILE B 216 -27.33 8.23 4.37
N ALA B 217 -26.80 8.93 5.37
CA ALA B 217 -27.34 10.22 5.80
C ALA B 217 -26.97 11.34 4.83
N ILE B 218 -27.86 12.33 4.75
CA ILE B 218 -27.66 13.47 3.84
C ILE B 218 -26.21 13.96 3.77
N GLU B 219 -25.58 14.18 4.92
CA GLU B 219 -24.32 14.92 4.99
C GLU B 219 -23.16 14.10 4.40
N SER B 220 -23.28 12.78 4.57
CA SER B 220 -22.34 11.80 4.04
C SER B 220 -22.52 11.65 2.54
N LEU B 221 -23.77 11.70 2.09
CA LEU B 221 -24.11 11.72 0.68
C LEU B 221 -23.51 12.97 0.03
N ALA B 222 -23.73 14.11 0.66
CA ALA B 222 -23.20 15.40 0.19
C ALA B 222 -21.70 15.53 0.30
N ASP B 223 -21.18 15.54 1.52
CA ASP B 223 -19.80 15.94 1.76
C ASP B 223 -18.78 14.81 1.98
N ARG B 224 -19.27 13.57 2.09
CA ARG B 224 -18.42 12.37 2.37
C ARG B 224 -18.11 12.18 3.88
N VAL B 225 -18.35 13.25 4.66
CA VAL B 225 -18.29 13.23 6.14
C VAL B 225 -19.06 12.05 6.75
N TYR B 226 -18.48 11.41 7.77
CA TYR B 226 -19.20 10.33 8.48
C TYR B 226 -18.91 10.27 9.98
N THR B 227 -19.92 10.45 10.82
CA THR B 227 -19.74 10.33 12.27
C THR B 227 -20.77 9.35 12.82
N SER B 228 -20.65 8.99 14.09
CA SER B 228 -21.58 8.04 14.70
C SER B 228 -23.03 8.52 14.62
N LYS B 229 -23.24 9.81 14.43
CA LYS B 229 -24.58 10.33 14.10
C LYS B 229 -25.10 9.87 12.73
N SER B 230 -24.19 9.62 11.78
CA SER B 230 -24.55 9.10 10.47
C SER B 230 -24.99 7.66 10.62
N ASP B 231 -24.38 6.93 11.56
CA ASP B 231 -24.85 5.63 11.98
C ASP B 231 -26.24 5.71 12.63
N VAL B 232 -26.44 6.73 13.47
CA VAL B 232 -27.75 6.96 14.07
C VAL B 232 -28.79 7.10 12.99
N TRP B 233 -28.39 7.62 11.83
CA TRP B 233 -29.30 7.76 10.70
C TRP B 233 -29.60 6.38 10.16
N ALA B 234 -28.55 5.61 9.94
CA ALA B 234 -28.71 4.27 9.43
C ALA B 234 -29.62 3.49 10.36
N PHE B 235 -29.47 3.66 11.66
CA PHE B 235 -30.32 2.96 12.62
C PHE B 235 -31.81 3.29 12.44
N GLY B 236 -32.13 4.56 12.22
CA GLY B 236 -33.51 4.99 11.95
C GLY B 236 -34.13 4.25 10.77
N VAL B 237 -33.41 4.19 9.68
CA VAL B 237 -33.79 3.41 8.52
C VAL B 237 -34.00 1.95 8.94
N THR B 238 -33.10 1.44 9.77
CA THR B 238 -33.12 0.03 10.11
C THR B 238 -34.40 -0.23 10.87
N MET B 239 -34.72 0.65 11.81
CA MET B 239 -35.92 0.55 12.64
C MET B 239 -37.13 0.41 11.72
N TRP B 240 -37.19 1.28 10.72
CA TRP B 240 -38.24 1.30 9.72
C TRP B 240 -38.35 -0.05 9.02
N GLU B 241 -37.22 -0.59 8.58
CA GLU B 241 -37.17 -1.92 7.99
C GLU B 241 -37.87 -2.96 8.84
N ILE B 242 -37.64 -2.88 10.15
CA ILE B 242 -38.30 -3.75 11.10
C ILE B 242 -39.78 -3.43 11.21
N ALA B 243 -40.13 -2.15 11.34
CA ALA B 243 -41.53 -1.77 11.43
C ALA B 243 -42.33 -2.26 10.21
N THR B 244 -41.70 -2.24 9.05
CA THR B 244 -42.37 -2.65 7.81
C THR B 244 -42.20 -4.13 7.50
N ARG B 245 -41.42 -4.84 8.31
CA ARG B 245 -41.16 -6.26 8.11
C ARG B 245 -40.50 -6.53 6.75
N GLY B 246 -39.54 -5.68 6.39
CA GLY B 246 -38.65 -5.94 5.25
C GLY B 246 -38.88 -5.19 3.96
N MET B 247 -39.53 -4.04 4.02
CA MET B 247 -39.69 -3.20 2.83
C MET B 247 -38.40 -2.52 2.49
N THR B 248 -38.12 -2.40 1.20
CA THR B 248 -37.05 -1.53 0.76
C THR B 248 -37.43 -0.10 1.17
N PRO B 249 -36.50 0.65 1.77
CA PRO B 249 -36.81 2.04 2.10
C PRO B 249 -37.14 2.87 0.84
N TYR B 250 -38.00 3.87 1.04
CA TYR B 250 -38.37 4.83 0.01
C TYR B 250 -38.98 4.18 -1.25
N PRO B 251 -40.15 3.52 -1.10
CA PRO B 251 -40.81 2.98 -2.28
C PRO B 251 -41.22 4.13 -3.20
N GLY B 252 -41.06 3.94 -4.51
CA GLY B 252 -41.33 5.01 -5.46
C GLY B 252 -40.10 5.83 -5.82
N VAL B 253 -39.17 5.96 -4.87
CA VAL B 253 -37.95 6.74 -5.08
C VAL B 253 -36.74 5.90 -5.51
N GLN B 254 -36.31 6.10 -6.74
CA GLN B 254 -35.12 5.43 -7.25
C GLN B 254 -33.86 5.96 -6.55
N ASN B 255 -32.82 5.13 -6.50
CA ASN B 255 -31.52 5.45 -5.88
C ASN B 255 -30.86 6.78 -6.29
N HIS B 256 -30.75 7.00 -7.59
CA HIS B 256 -30.12 8.22 -8.10
C HIS B 256 -30.84 9.51 -7.68
N GLU B 257 -32.10 9.39 -7.25
CA GLU B 257 -32.90 10.54 -6.84
C GLU B 257 -32.72 10.85 -5.35
N MET B 258 -32.10 9.94 -4.61
CA MET B 258 -32.16 9.99 -3.14
C MET B 258 -31.68 11.28 -2.47
N TYR B 259 -30.56 11.81 -2.95
CA TYR B 259 -29.96 12.96 -2.31
C TYR B 259 -30.89 14.18 -2.41
N ASP B 260 -31.46 14.37 -3.59
CA ASP B 260 -32.33 15.51 -3.83
C ASP B 260 -33.69 15.34 -3.18
N TYR B 261 -34.12 14.10 -3.05
CA TYR B 261 -35.37 13.78 -2.38
C TYR B 261 -35.27 14.13 -0.89
N LEU B 262 -34.13 13.80 -0.27
CA LEU B 262 -33.87 14.20 1.09
C LEU B 262 -33.60 15.70 1.22
N LEU B 263 -32.80 16.25 0.30
CA LEU B 263 -32.46 17.68 0.32
C LEU B 263 -33.70 18.59 0.47
N HIS B 264 -34.81 18.19 -0.16
CA HIS B 264 -36.07 18.92 -0.05
C HIS B 264 -36.88 18.48 1.17
N GLY B 265 -36.21 17.89 2.16
CA GLY B 265 -36.81 17.63 3.45
C GLY B 265 -37.79 16.47 3.54
N HIS B 266 -37.81 15.60 2.52
CA HIS B 266 -38.65 14.41 2.54
C HIS B 266 -38.00 13.24 3.27
N ARG B 267 -38.83 12.47 3.98
CA ARG B 267 -38.35 11.37 4.80
C ARG B 267 -39.07 10.07 4.48
N LEU B 268 -38.65 8.97 5.12
CA LEU B 268 -39.46 7.73 5.12
C LEU B 268 -40.83 7.98 5.74
N LYS B 269 -41.85 7.40 5.14
CA LYS B 269 -43.18 7.62 5.63
C LYS B 269 -43.48 6.67 6.79
N GLN B 270 -44.44 7.05 7.63
CA GLN B 270 -44.82 6.22 8.75
C GLN B 270 -45.53 4.96 8.25
N PRO B 271 -45.07 3.77 8.71
CA PRO B 271 -45.73 2.49 8.47
C PRO B 271 -47.19 2.42 8.99
N GLU B 272 -47.96 1.45 8.50
CA GLU B 272 -49.42 1.45 8.58
C GLU B 272 -49.94 1.55 10.00
N ASP B 273 -49.69 0.52 10.81
CA ASP B 273 -50.23 0.54 12.17
C ASP B 273 -49.16 0.77 13.24
N CYS B 274 -48.20 1.65 12.94
CA CYS B 274 -47.19 2.02 13.92
C CYS B 274 -47.61 3.17 14.82
N LEU B 275 -47.36 2.97 16.12
CA LEU B 275 -47.53 3.98 17.15
C LEU B 275 -46.75 5.27 16.84
N ASP B 276 -47.44 6.40 16.92
CA ASP B 276 -46.79 7.70 16.67
C ASP B 276 -45.45 7.82 17.42
N GLU B 277 -45.45 7.33 18.66
CA GLU B 277 -44.28 7.33 19.53
C GLU B 277 -43.10 6.68 18.84
N LEU B 278 -43.31 5.46 18.34
CA LEU B 278 -42.27 4.73 17.59
C LEU B 278 -41.85 5.52 16.35
N TYR B 279 -42.80 6.12 15.66
CA TYR B 279 -42.47 6.91 14.49
C TYR B 279 -41.67 8.16 14.86
N GLU B 280 -42.03 8.82 15.96
CA GLU B 280 -41.29 10.00 16.42
C GLU B 280 -39.83 9.63 16.63
N ILE B 281 -39.63 8.49 17.27
CA ILE B 281 -38.31 8.02 17.58
C ILE B 281 -37.48 7.80 16.30
N MET B 282 -38.04 7.14 15.29
CA MET B 282 -37.26 6.90 14.06
C MET B 282 -36.98 8.20 13.33
N TYR B 283 -37.97 9.08 13.30
CA TYR B 283 -37.89 10.37 12.63
C TYR B 283 -36.77 11.25 13.19
N SER B 284 -36.62 11.24 14.51
CA SER B 284 -35.55 12.01 15.15
C SER B 284 -34.16 11.60 14.63
N CYS B 285 -34.05 10.35 14.20
CA CYS B 285 -32.82 9.85 13.62
C CYS B 285 -32.44 10.55 12.31
N TRP B 286 -33.40 11.14 11.62
CA TRP B 286 -33.08 11.76 10.33
C TRP B 286 -33.23 13.29 10.29
N ARG B 287 -33.07 13.98 11.42
CA ARG B 287 -33.11 15.43 11.43
C ARG B 287 -31.91 15.92 10.64
N THR B 288 -32.03 17.05 9.96
CA THR B 288 -31.01 17.45 8.98
C THR B 288 -29.64 17.66 9.60
N ASP B 289 -29.58 18.38 10.71
CA ASP B 289 -28.28 18.59 11.37
C ASP B 289 -27.92 17.38 12.25
N PRO B 290 -26.74 16.78 12.00
CA PRO B 290 -26.33 15.61 12.79
C PRO B 290 -26.47 15.87 14.29
N LEU B 291 -26.13 17.08 14.70
CA LEU B 291 -26.08 17.48 16.11
C LEU B 291 -27.43 17.39 16.82
N ASP B 292 -28.51 17.62 16.05
CA ASP B 292 -29.87 17.52 16.58
C ASP B 292 -30.34 16.10 16.86
N ARG B 293 -29.82 15.14 16.08
CA ARG B 293 -30.15 13.72 16.22
C ARG B 293 -29.77 13.23 17.60
N PRO B 294 -30.59 12.37 18.20
CA PRO B 294 -30.22 11.80 19.49
C PRO B 294 -28.99 10.88 19.40
N THR B 295 -28.42 10.54 20.56
CA THR B 295 -27.35 9.53 20.63
C THR B 295 -27.96 8.14 20.87
N PHE B 296 -27.15 7.11 20.64
CA PHE B 296 -27.63 5.72 20.81
C PHE B 296 -28.13 5.41 22.22
N SER B 297 -27.47 5.94 23.24
CA SER B 297 -27.94 5.73 24.61
C SER B 297 -29.24 6.48 24.92
N VAL B 298 -29.44 7.64 24.29
CA VAL B 298 -30.70 8.36 24.40
C VAL B 298 -31.79 7.54 23.73
N LEU B 299 -31.44 6.92 22.61
CA LEU B 299 -32.38 6.16 21.82
C LEU B 299 -32.79 4.90 22.53
N ARG B 300 -31.78 4.20 23.03
CA ARG B 300 -31.96 2.91 23.62
C ARG B 300 -32.98 2.99 24.75
N LEU B 301 -32.84 4.00 25.60
CA LEU B 301 -33.73 4.13 26.74
C LEU B 301 -35.18 4.43 26.32
N GLN B 302 -35.34 5.20 25.24
CA GLN B 302 -36.68 5.53 24.74
C GLN B 302 -37.43 4.29 24.28
N LEU B 303 -36.73 3.42 23.55
CA LEU B 303 -37.30 2.14 23.12
C LEU B 303 -37.63 1.21 24.30
N GLU B 304 -36.74 1.17 25.29
CA GLU B 304 -36.93 0.31 26.44
C GLU B 304 -38.18 0.73 27.21
N LYS B 305 -38.35 2.04 27.38
CA LYS B 305 -39.48 2.59 28.12
C LYS B 305 -40.77 2.41 27.33
N LEU B 306 -40.68 2.44 26.00
CA LEU B 306 -41.84 2.22 25.14
C LEU B 306 -42.30 0.79 25.24
N LEU B 307 -41.33 -0.11 25.28
CA LEU B 307 -41.62 -1.54 25.36
C LEU B 307 -42.38 -1.83 26.64
N GLU B 308 -41.93 -1.19 27.73
CA GLU B 308 -42.65 -1.20 29.00
C GLU B 308 -44.09 -0.74 28.90
N SER B 309 -44.30 0.34 28.13
N SER B 309 -44.31 0.33 28.14
CA SER B 309 -45.63 0.95 27.99
CA SER B 309 -45.64 0.94 28.01
C SER B 309 -46.69 0.01 27.40
C SER B 309 -46.70 0.02 27.39
N LEU B 310 -46.24 -0.95 26.58
CA LEU B 310 -47.13 -1.91 25.92
C LEU B 310 -47.62 -2.95 26.91
N PRO B 311 -48.86 -3.47 26.70
CA PRO B 311 -49.37 -4.56 27.56
C PRO B 311 -48.48 -5.80 27.47
N ASP B 312 -48.69 -6.73 28.39
CA ASP B 312 -47.80 -7.88 28.54
C ASP B 312 -48.17 -9.02 27.57
N ASN C 24 8.24 1.46 6.84
CA ASN C 24 7.82 0.68 5.63
C ASN C 24 8.58 1.12 4.38
N LYS C 25 9.53 2.05 4.55
CA LYS C 25 10.39 2.52 3.45
C LYS C 25 11.01 1.35 2.67
N LEU C 26 11.88 0.59 3.33
CA LEU C 26 12.50 -0.60 2.71
C LEU C 26 11.49 -1.75 2.64
N GLU C 27 10.58 -1.67 1.69
CA GLU C 27 9.59 -2.72 1.46
C GLU C 27 9.73 -3.23 0.04
N ASP C 28 10.43 -2.45 -0.79
CA ASP C 28 10.76 -2.85 -2.16
C ASP C 28 11.93 -3.86 -2.17
N VAL C 29 12.63 -3.96 -1.05
CA VAL C 29 13.64 -5.01 -0.88
C VAL C 29 12.99 -6.40 -0.97
N VAL C 30 11.76 -6.49 -0.47
CA VAL C 30 10.95 -7.72 -0.58
C VAL C 30 10.61 -8.01 -2.04
N ILE C 31 10.78 -9.28 -2.42
CA ILE C 31 10.40 -9.77 -3.75
C ILE C 31 9.17 -10.67 -3.66
N ASP C 32 8.27 -10.52 -4.62
CA ASP C 32 7.07 -11.35 -4.68
C ASP C 32 7.38 -12.85 -4.86
N ARG C 33 6.98 -13.65 -3.87
CA ARG C 33 7.30 -15.09 -3.79
C ARG C 33 7.11 -15.90 -5.07
N ASN C 34 6.15 -15.50 -5.90
CA ASN C 34 5.87 -16.24 -7.12
C ASN C 34 6.76 -15.82 -8.29
N LEU C 35 7.47 -14.71 -8.14
CA LEU C 35 8.53 -14.36 -9.08
C LEU C 35 9.69 -15.34 -8.94
N LEU C 36 9.62 -16.19 -7.91
CA LEU C 36 10.71 -17.06 -7.51
C LEU C 36 10.38 -18.55 -7.58
N ILE C 37 11.31 -19.32 -8.12
CA ILE C 37 11.13 -20.76 -8.23
C ILE C 37 12.39 -21.47 -7.70
N LEU C 38 12.19 -22.43 -6.80
CA LEU C 38 13.30 -23.12 -6.12
C LEU C 38 13.62 -24.45 -6.78
N GLY C 39 14.89 -24.83 -6.71
CA GLY C 39 15.38 -26.11 -7.25
C GLY C 39 15.93 -27.06 -6.20
N LYS C 40 16.96 -27.80 -6.58
CA LYS C 40 17.64 -28.75 -5.69
C LYS C 40 18.39 -28.04 -4.54
N ILE C 41 18.64 -28.75 -3.45
CA ILE C 41 19.43 -28.20 -2.34
C ILE C 41 20.94 -28.24 -2.67
N LEU C 42 21.67 -27.18 -2.32
CA LEU C 42 23.11 -27.14 -2.58
C LEU C 42 23.96 -27.34 -1.31
N GLY C 43 23.29 -27.32 -0.16
CA GLY C 43 23.97 -27.47 1.12
C GLY C 43 23.09 -27.12 2.31
N GLU C 44 23.42 -27.75 3.44
CA GLU C 44 22.71 -27.56 4.70
C GLU C 44 23.67 -27.39 5.88
N GLY C 45 23.76 -26.16 6.40
CA GLY C 45 24.39 -25.89 7.72
C GLY C 45 23.40 -26.12 8.87
N GLU C 46 23.86 -26.00 10.11
CA GLU C 46 22.97 -26.03 11.31
C GLU C 46 21.91 -24.93 11.22
N PHE C 47 22.33 -23.74 10.78
CA PHE C 47 21.44 -22.59 10.62
C PHE C 47 20.31 -22.82 9.61
N GLY C 48 20.61 -22.75 8.32
CA GLY C 48 19.59 -22.98 7.31
C GLY C 48 19.97 -23.95 6.22
N SER C 49 19.55 -23.65 4.99
CA SER C 49 19.90 -24.45 3.81
C SER C 49 19.97 -23.56 2.57
N VAL C 50 20.98 -23.81 1.73
CA VAL C 50 21.10 -23.04 0.50
C VAL C 50 20.55 -23.85 -0.72
N MET C 51 19.74 -23.19 -1.54
CA MET C 51 19.12 -23.78 -2.74
C MET C 51 19.37 -22.99 -4.03
N GLU C 52 19.45 -23.72 -5.15
CA GLU C 52 19.37 -23.12 -6.49
C GLU C 52 17.93 -22.74 -6.86
N GLY C 53 17.81 -21.69 -7.67
CA GLY C 53 16.51 -21.24 -8.15
C GLY C 53 16.55 -20.26 -9.29
N ASN C 54 15.35 -19.89 -9.76
CA ASN C 54 15.17 -18.94 -10.84
C ASN C 54 14.39 -17.78 -10.29
N LEU C 55 14.85 -16.59 -10.66
CA LEU C 55 14.15 -15.36 -10.34
C LEU C 55 13.64 -14.72 -11.63
N LYS C 56 12.37 -14.40 -11.67
CA LYS C 56 11.82 -13.75 -12.84
C LYS C 56 11.96 -12.24 -12.65
N GLN C 57 12.29 -11.54 -13.73
CA GLN C 57 12.66 -10.13 -13.64
C GLN C 57 11.73 -9.16 -14.37
N GLU C 58 12.12 -7.90 -14.39
CA GLU C 58 11.41 -6.84 -15.11
C GLU C 58 11.44 -7.14 -16.61
N ASP C 59 12.65 -7.49 -17.08
CA ASP C 59 12.92 -7.99 -18.44
C ASP C 59 11.90 -8.95 -18.99
N GLY C 60 11.33 -9.78 -18.13
CA GLY C 60 10.66 -10.99 -18.57
C GLY C 60 11.64 -12.16 -18.45
N THR C 61 12.93 -11.89 -18.63
CA THR C 61 13.95 -12.94 -18.55
C THR C 61 14.14 -13.39 -17.11
N SER C 62 14.65 -14.62 -16.96
CA SER C 62 14.95 -15.18 -15.66
C SER C 62 16.45 -15.19 -15.40
N LEU C 63 16.81 -15.12 -14.13
CA LEU C 63 18.20 -15.09 -13.70
C LEU C 63 18.48 -16.23 -12.70
N LYS C 64 19.63 -16.87 -12.84
CA LYS C 64 19.98 -17.92 -11.93
C LYS C 64 20.40 -17.33 -10.60
N VAL C 65 19.87 -17.90 -9.52
CA VAL C 65 20.06 -17.35 -8.18
C VAL C 65 20.33 -18.45 -7.16
N ALA C 66 20.87 -18.04 -6.01
CA ALA C 66 20.99 -18.92 -4.84
C ALA C 66 20.11 -18.40 -3.68
N VAL C 67 19.39 -19.30 -3.02
CA VAL C 67 18.39 -18.89 -2.05
C VAL C 67 18.73 -19.44 -0.69
N LYS C 68 19.02 -18.53 0.23
CA LYS C 68 19.39 -18.87 1.60
C LYS C 68 18.21 -18.76 2.54
N THR C 69 17.95 -19.82 3.29
CA THR C 69 16.83 -19.88 4.23
C THR C 69 17.29 -19.91 5.68
N MET C 70 16.59 -19.18 6.56
CA MET C 70 16.87 -19.22 8.01
C MET C 70 15.58 -19.11 8.80
N LYS C 71 15.66 -18.85 10.11
CA LYS C 71 14.45 -18.81 10.96
C LYS C 71 14.45 -17.69 12.00
N ILE C 80 11.06 -9.11 13.76
CA ILE C 80 11.64 -9.47 12.45
C ILE C 80 12.01 -8.28 11.59
N GLU C 81 11.25 -7.20 11.71
CA GLU C 81 11.50 -5.96 10.96
C GLU C 81 13.01 -5.67 10.92
N GLU C 82 13.64 -5.68 12.10
CA GLU C 82 15.08 -5.47 12.25
C GLU C 82 15.93 -6.21 11.19
N PHE C 83 15.66 -7.50 11.00
CA PHE C 83 16.31 -8.28 9.95
C PHE C 83 16.16 -7.67 8.56
N LEU C 84 14.94 -7.27 8.22
CA LEU C 84 14.67 -6.73 6.90
C LEU C 84 15.51 -5.49 6.56
N SER C 85 15.76 -4.64 7.55
CA SER C 85 16.59 -3.43 7.35
C SER C 85 18.01 -3.80 6.95
N GLU C 86 18.53 -4.87 7.53
CA GLU C 86 19.85 -5.37 7.18
C GLU C 86 19.91 -5.63 5.68
N ALA C 87 18.95 -6.43 5.18
CA ALA C 87 18.85 -6.73 3.76
C ALA C 87 18.70 -5.45 2.93
N ALA C 88 17.98 -4.48 3.47
CA ALA C 88 17.77 -3.21 2.79
C ALA C 88 19.12 -2.54 2.61
N CYS C 89 19.88 -2.50 3.69
CA CYS C 89 21.22 -1.94 3.66
C CYS C 89 22.06 -2.70 2.64
N MET C 90 22.31 -3.98 2.92
CA MET C 90 23.07 -4.84 2.01
C MET C 90 22.71 -4.57 0.56
N LYS C 91 21.41 -4.53 0.26
CA LYS C 91 20.97 -4.29 -1.12
C LYS C 91 21.64 -3.04 -1.71
N ASP C 92 22.01 -2.10 -0.84
CA ASP C 92 22.66 -0.88 -1.32
C ASP C 92 24.11 -1.10 -1.72
N PHE C 93 24.73 -2.17 -1.21
CA PHE C 93 26.13 -2.45 -1.54
C PHE C 93 26.35 -2.64 -3.02
N SER C 94 27.36 -1.97 -3.55
CA SER C 94 27.65 -2.01 -4.96
C SER C 94 29.15 -1.92 -5.19
N HIS C 95 29.76 -3.08 -5.44
CA HIS C 95 31.20 -3.22 -5.60
C HIS C 95 31.43 -4.59 -6.24
N PRO C 96 32.35 -4.69 -7.22
CA PRO C 96 32.55 -5.93 -7.93
C PRO C 96 33.12 -7.04 -7.05
N ASN C 97 33.64 -6.65 -5.88
CA ASN C 97 34.24 -7.59 -4.95
C ASN C 97 33.39 -7.84 -3.72
N VAL C 98 32.14 -7.43 -3.81
CA VAL C 98 31.16 -7.68 -2.79
C VAL C 98 29.91 -8.19 -3.49
N ILE C 99 29.33 -9.27 -2.98
CA ILE C 99 28.11 -9.86 -3.56
C ILE C 99 26.95 -8.89 -3.42
N ARG C 100 26.04 -8.91 -4.39
CA ARG C 100 24.88 -8.02 -4.32
C ARG C 100 23.66 -8.83 -3.93
N LEU C 101 23.10 -8.51 -2.77
CA LEU C 101 21.86 -9.12 -2.34
C LEU C 101 20.76 -8.56 -3.22
N LEU C 102 20.00 -9.45 -3.85
CA LEU C 102 18.98 -9.08 -4.83
C LEU C 102 17.61 -8.78 -4.23
N GLY C 103 17.35 -9.32 -3.04
CA GLY C 103 16.09 -9.11 -2.34
C GLY C 103 15.74 -10.26 -1.42
N VAL C 104 14.61 -10.15 -0.73
CA VAL C 104 14.18 -11.22 0.17
C VAL C 104 12.75 -11.71 -0.09
N CYS C 105 12.53 -12.98 0.19
CA CYS C 105 11.22 -13.58 0.13
C CYS C 105 10.79 -14.01 1.52
N ILE C 106 9.48 -14.16 1.71
CA ILE C 106 8.93 -14.59 2.98
C ILE C 106 7.83 -15.57 2.71
N GLU C 107 8.03 -16.81 3.13
CA GLU C 107 6.92 -17.76 3.21
C GLU C 107 6.40 -17.73 4.63
N MET C 108 5.15 -17.28 4.77
CA MET C 108 4.55 -16.94 6.07
C MET C 108 4.48 -18.12 7.06
N SER C 110 3.58 -21.98 6.16
CA SER C 110 2.45 -22.77 6.61
C SER C 110 1.87 -22.31 7.98
N GLN C 111 2.50 -21.27 8.53
CA GLN C 111 1.92 -20.45 9.59
C GLN C 111 2.56 -19.06 9.59
N PRO C 116 11.59 -16.88 5.69
CA PRO C 116 12.41 -15.77 5.22
C PRO C 116 13.66 -16.23 4.46
N MET C 117 13.79 -15.78 3.22
CA MET C 117 14.83 -16.25 2.31
C MET C 117 15.53 -15.07 1.65
N VAL C 118 16.87 -15.03 1.72
CA VAL C 118 17.63 -14.02 0.96
C VAL C 118 17.94 -14.53 -0.44
N ILE C 119 17.92 -13.63 -1.43
CA ILE C 119 18.14 -14.00 -2.83
C ILE C 119 19.43 -13.41 -3.37
N LEU C 120 20.29 -14.28 -3.87
CA LEU C 120 21.59 -13.84 -4.34
C LEU C 120 21.87 -14.45 -5.69
N PRO C 121 22.69 -13.77 -6.51
CA PRO C 121 23.09 -14.36 -7.78
C PRO C 121 23.74 -15.69 -7.56
N PHE C 122 23.45 -16.66 -8.42
CA PHE C 122 24.13 -17.95 -8.36
C PHE C 122 25.54 -17.80 -8.93
N MET C 123 26.51 -18.39 -8.24
CA MET C 123 27.92 -18.39 -8.61
C MET C 123 28.32 -19.82 -8.90
N LYS C 124 28.60 -20.12 -10.17
CA LYS C 124 28.76 -21.51 -10.60
C LYS C 124 30.03 -22.14 -10.07
N TYR C 125 31.05 -21.32 -9.85
CA TYR C 125 32.32 -21.86 -9.35
C TYR C 125 32.27 -22.15 -7.86
N GLY C 126 31.24 -21.67 -7.18
CA GLY C 126 30.99 -22.01 -5.77
C GLY C 126 31.88 -21.23 -4.83
N ASP C 127 32.08 -21.75 -3.63
CA ASP C 127 32.86 -20.99 -2.66
C ASP C 127 34.35 -21.25 -2.84
N LEU C 128 35.15 -20.27 -2.42
CA LEU C 128 36.61 -20.28 -2.57
C LEU C 128 37.29 -21.42 -1.80
N HIS C 129 36.75 -21.77 -0.66
CA HIS C 129 37.37 -22.78 0.15
C HIS C 129 37.38 -24.12 -0.58
N THR C 130 36.22 -24.50 -1.12
CA THR C 130 36.03 -25.80 -1.73
C THR C 130 36.76 -25.85 -3.04
N TYR C 131 36.98 -24.67 -3.62
CA TYR C 131 37.71 -24.56 -4.87
C TYR C 131 39.19 -24.83 -4.65
N LEU C 132 39.74 -24.27 -3.58
CA LEU C 132 41.14 -24.45 -3.24
C LEU C 132 41.43 -25.93 -3.05
N LEU C 133 40.55 -26.60 -2.33
CA LEU C 133 40.68 -28.02 -2.10
C LEU C 133 40.63 -28.76 -3.44
N TYR C 134 39.61 -28.49 -4.27
CA TYR C 134 39.50 -29.15 -5.58
C TYR C 134 40.76 -28.99 -6.41
N SER C 135 41.40 -27.83 -6.32
CA SER C 135 42.59 -27.55 -7.08
C SER C 135 43.76 -28.46 -6.73
N ARG C 136 43.66 -29.13 -5.57
N ARG C 136 43.66 -29.14 -5.58
CA ARG C 136 44.72 -30.04 -5.14
CA ARG C 136 44.71 -30.05 -5.12
C ARG C 136 44.47 -31.46 -5.67
C ARG C 136 44.49 -31.45 -5.71
N LEU C 137 43.38 -31.62 -6.41
CA LEU C 137 43.06 -32.87 -7.07
C LEU C 137 43.12 -32.70 -8.58
N GLU C 138 43.52 -33.77 -9.27
CA GLU C 138 43.33 -33.90 -10.72
C GLU C 138 41.84 -33.87 -11.02
N THR C 139 41.47 -33.67 -12.28
CA THR C 139 40.06 -33.48 -12.72
C THR C 139 39.46 -32.16 -12.25
N GLY C 140 39.81 -31.74 -11.05
CA GLY C 140 39.44 -30.40 -10.60
C GLY C 140 40.43 -29.39 -11.17
N PRO C 141 40.11 -28.08 -11.04
CA PRO C 141 40.87 -26.90 -11.49
C PRO C 141 42.37 -27.11 -11.34
N LYS C 142 43.14 -26.68 -12.34
CA LYS C 142 44.60 -26.79 -12.33
C LYS C 142 45.24 -26.20 -11.06
N HIS C 143 46.47 -26.60 -10.79
CA HIS C 143 47.23 -26.06 -9.68
C HIS C 143 47.25 -24.54 -9.72
N ILE C 144 46.65 -23.90 -8.72
CA ILE C 144 46.61 -22.45 -8.63
C ILE C 144 48.01 -21.90 -8.31
N PRO C 145 48.63 -21.16 -9.25
CA PRO C 145 49.97 -20.62 -8.97
C PRO C 145 49.90 -19.39 -8.06
N LEU C 146 51.04 -19.01 -7.52
CA LEU C 146 51.12 -17.94 -6.52
C LEU C 146 50.39 -16.67 -6.94
N GLN C 147 50.64 -16.23 -8.17
CA GLN C 147 50.03 -15.04 -8.75
C GLN C 147 48.51 -15.02 -8.60
N THR C 148 47.89 -16.18 -8.84
CA THR C 148 46.44 -16.34 -8.71
C THR C 148 45.97 -16.34 -7.26
N LEU C 149 46.75 -16.96 -6.38
CA LEU C 149 46.47 -16.95 -4.95
C LEU C 149 46.49 -15.54 -4.39
N LEU C 150 47.39 -14.70 -4.91
CA LEU C 150 47.43 -13.28 -4.55
C LEU C 150 46.23 -12.51 -5.11
N LYS C 151 45.92 -12.68 -6.38
CA LYS C 151 44.74 -12.04 -6.95
C LYS C 151 43.51 -12.31 -6.06
N PHE C 152 43.39 -13.54 -5.57
CA PHE C 152 42.31 -13.94 -4.70
C PHE C 152 42.25 -13.03 -3.47
N MET C 153 43.40 -12.81 -2.87
CA MET C 153 43.50 -12.03 -1.64
C MET C 153 43.23 -10.55 -1.90
N VAL C 154 43.78 -10.04 -3.01
CA VAL C 154 43.52 -8.67 -3.40
C VAL C 154 42.01 -8.42 -3.49
N ASP C 155 41.31 -9.23 -4.31
CA ASP C 155 39.86 -9.15 -4.44
C ASP C 155 39.17 -9.00 -3.09
N ILE C 156 39.54 -9.85 -2.12
CA ILE C 156 38.94 -9.82 -0.80
C ILE C 156 39.32 -8.56 -0.07
N ALA C 157 40.57 -8.17 -0.24
CA ALA C 157 41.04 -6.97 0.39
C ALA C 157 40.18 -5.84 -0.14
N LEU C 158 39.96 -5.81 -1.45
CA LEU C 158 39.16 -4.76 -2.07
C LEU C 158 37.71 -4.78 -1.56
N GLY C 159 37.10 -5.95 -1.55
CA GLY C 159 35.73 -6.10 -1.03
C GLY C 159 35.58 -5.57 0.39
N MET C 160 36.56 -5.90 1.24
CA MET C 160 36.55 -5.48 2.62
C MET C 160 36.89 -4.01 2.76
N GLU C 161 37.75 -3.49 1.89
CA GLU C 161 38.05 -2.05 1.88
C GLU C 161 36.78 -1.26 1.80
N TYR C 162 36.01 -1.55 0.76
CA TYR C 162 34.70 -0.95 0.52
C TYR C 162 33.79 -1.05 1.73
N LEU C 163 33.70 -2.23 2.35
CA LEU C 163 32.76 -2.44 3.45
C LEU C 163 33.16 -1.70 4.70
N SER C 164 34.45 -1.71 4.99
CA SER C 164 35.05 -0.91 6.05
C SER C 164 34.77 0.63 5.90
N ASN C 165 34.69 1.11 4.65
CA ASN C 165 34.34 2.53 4.39
C ASN C 165 32.89 2.83 4.74
N ARG C 166 31.99 1.97 4.27
N ARG C 166 31.99 1.97 4.29
CA ARG C 166 30.56 1.99 4.62
CA ARG C 166 30.56 2.06 4.60
C ARG C 166 30.36 1.89 6.13
C ARG C 166 30.35 1.76 6.10
N ASN C 167 31.45 1.58 6.83
CA ASN C 167 31.41 1.32 8.29
C ASN C 167 30.57 0.08 8.58
N PHE C 168 30.72 -0.90 7.71
CA PHE C 168 29.99 -2.12 7.88
C PHE C 168 30.88 -3.21 8.45
N LEU C 169 30.36 -3.85 9.50
CA LEU C 169 31.05 -4.95 10.19
C LEU C 169 30.59 -6.31 9.69
N HIS C 170 31.54 -7.07 9.15
CA HIS C 170 31.24 -8.35 8.53
C HIS C 170 30.87 -9.43 9.54
N ARG C 171 31.82 -9.76 10.44
CA ARG C 171 31.63 -10.73 11.53
C ARG C 171 31.59 -12.24 11.20
N ASP C 172 31.89 -12.62 9.96
CA ASP C 172 32.08 -14.03 9.61
C ASP C 172 32.92 -14.21 8.32
N LEU C 173 34.06 -13.55 8.26
CA LEU C 173 34.91 -13.65 7.11
C LEU C 173 35.79 -14.86 7.21
N ALA C 174 35.88 -15.61 6.11
CA ALA C 174 36.59 -16.89 6.05
C ALA C 174 36.52 -17.26 4.58
N ALA C 175 37.38 -18.17 4.12
CA ALA C 175 37.35 -18.54 2.71
C ALA C 175 36.06 -19.25 2.32
N ARG C 176 35.42 -19.86 3.29
N ARG C 176 35.39 -19.85 3.29
CA ARG C 176 34.12 -20.52 3.09
CA ARG C 176 34.10 -20.52 3.05
C ARG C 176 33.07 -19.52 2.65
C ARG C 176 33.11 -19.49 2.57
N ASN C 177 33.26 -18.26 3.05
CA ASN C 177 32.33 -17.18 2.73
C ASN C 177 32.78 -16.22 1.64
N CYS C 178 33.64 -16.70 0.75
CA CYS C 178 34.05 -15.98 -0.44
C CYS C 178 33.68 -16.82 -1.66
N MET C 179 33.02 -16.20 -2.63
CA MET C 179 32.54 -16.91 -3.80
C MET C 179 33.42 -16.59 -5.00
N LEU C 180 33.46 -17.47 -5.98
CA LEU C 180 34.10 -17.12 -7.23
C LEU C 180 33.08 -16.73 -8.28
N ARG C 181 33.26 -15.60 -8.93
CA ARG C 181 32.38 -15.19 -10.02
C ARG C 181 32.70 -16.01 -11.26
N ASP C 182 31.81 -15.99 -12.25
CA ASP C 182 32.05 -16.70 -13.51
C ASP C 182 33.36 -16.33 -14.23
N ASP C 183 33.92 -15.17 -13.91
CA ASP C 183 35.16 -14.70 -14.50
C ASP C 183 36.32 -14.79 -13.51
N MET C 184 36.17 -15.64 -12.50
CA MET C 184 37.21 -15.90 -11.48
C MET C 184 37.58 -14.73 -10.57
N THR C 185 36.78 -13.67 -10.58
CA THR C 185 36.82 -12.61 -9.55
C THR C 185 36.35 -13.21 -8.20
N VAL C 186 36.91 -12.78 -7.08
CA VAL C 186 36.36 -13.19 -5.79
C VAL C 186 35.48 -12.07 -5.26
N CYS C 187 34.36 -12.44 -4.68
CA CYS C 187 33.59 -11.49 -3.92
C CYS C 187 33.25 -12.05 -2.56
N VAL C 188 33.00 -11.13 -1.62
CA VAL C 188 32.66 -11.44 -0.23
C VAL C 188 31.15 -11.67 -0.09
N ALA C 189 30.77 -12.66 0.72
CA ALA C 189 29.37 -13.04 0.92
C ALA C 189 29.05 -13.32 2.40
N ASP C 190 27.82 -13.70 2.70
CA ASP C 190 27.44 -14.25 4.01
C ASP C 190 27.61 -13.30 5.20
N PHE C 191 27.88 -12.04 4.88
CA PHE C 191 28.18 -11.06 5.91
C PHE C 191 27.04 -11.01 6.89
N GLY C 192 27.40 -10.96 8.16
CA GLY C 192 26.40 -10.87 9.24
C GLY C 192 25.46 -12.05 9.25
N LEU C 193 24.17 -11.75 9.02
CA LEU C 193 23.08 -12.72 9.17
C LEU C 193 23.09 -13.28 10.59
N SER C 194 22.85 -12.39 11.55
CA SER C 194 22.79 -12.68 12.99
C SER C 194 24.09 -13.27 13.57
N PRO C 212 32.73 -20.87 14.81
CA PRO C 212 33.58 -20.00 13.99
C PRO C 212 34.85 -19.62 14.72
N VAL C 213 35.10 -20.29 15.85
CA VAL C 213 36.03 -19.84 16.87
C VAL C 213 37.40 -19.52 16.34
N LYS C 214 37.86 -20.31 15.38
CA LYS C 214 39.22 -20.16 14.84
C LYS C 214 39.44 -18.98 13.89
N TRP C 215 38.40 -18.18 13.65
CA TRP C 215 38.55 -16.94 12.86
C TRP C 215 38.36 -15.67 13.68
N ILE C 216 37.94 -15.81 14.93
CA ILE C 216 37.65 -14.67 15.81
C ILE C 216 38.88 -14.13 16.56
N ALA C 217 39.00 -12.80 16.60
CA ALA C 217 40.14 -12.13 17.19
C ALA C 217 40.12 -12.21 18.72
N ILE C 218 41.31 -12.21 19.33
CA ILE C 218 41.44 -12.34 20.77
C ILE C 218 40.43 -11.52 21.56
N GLU C 219 40.28 -10.24 21.20
CA GLU C 219 39.52 -9.27 22.01
C GLU C 219 38.03 -9.56 22.00
N SER C 220 37.58 -10.10 20.85
CA SER C 220 36.19 -10.51 20.63
C SER C 220 35.90 -11.81 21.35
N LEU C 221 36.91 -12.67 21.38
CA LEU C 221 36.86 -13.90 22.14
C LEU C 221 36.75 -13.58 23.64
N ALA C 222 37.62 -12.69 24.12
CA ALA C 222 37.63 -12.22 25.51
C ALA C 222 36.42 -11.39 25.91
N ASP C 223 36.28 -10.22 25.30
CA ASP C 223 35.34 -9.21 25.80
C ASP C 223 34.01 -9.08 25.01
N ARG C 224 33.89 -9.79 23.88
CA ARG C 224 32.69 -9.73 23.01
C ARG C 224 32.69 -8.54 22.04
N VAL C 225 33.56 -7.55 22.34
CA VAL C 225 33.85 -6.39 21.47
C VAL C 225 34.11 -6.81 20.00
N TYR C 226 33.59 -6.05 19.05
CA TYR C 226 33.90 -6.32 17.64
C TYR C 226 33.98 -5.07 16.76
N THR C 227 35.14 -4.81 16.16
CA THR C 227 35.30 -3.67 15.23
C THR C 227 35.85 -4.16 13.90
N SER C 228 35.88 -3.28 12.90
CA SER C 228 36.39 -3.68 11.60
C SER C 228 37.84 -4.20 11.66
N LYS C 229 38.56 -3.84 12.70
CA LYS C 229 39.86 -4.47 12.95
C LYS C 229 39.75 -5.98 13.26
N SER C 230 38.64 -6.39 13.90
CA SER C 230 38.39 -7.80 14.20
C SER C 230 38.18 -8.53 12.89
N ASP C 231 37.53 -7.88 11.94
CA ASP C 231 37.43 -8.37 10.56
C ASP C 231 38.82 -8.42 9.91
N VAL C 232 39.66 -7.43 10.19
CA VAL C 232 41.03 -7.46 9.69
C VAL C 232 41.73 -8.73 10.19
N TRP C 233 41.36 -9.19 11.36
CA TRP C 233 41.91 -10.43 11.91
C TRP C 233 41.40 -11.62 11.10
N ALA C 234 40.09 -11.67 10.92
CA ALA C 234 39.49 -12.71 10.12
C ALA C 234 40.17 -12.76 8.75
N PHE C 235 40.41 -11.61 8.13
CA PHE C 235 41.07 -11.58 6.84
C PHE C 235 42.46 -12.23 6.82
N GLY C 236 43.25 -12.02 7.87
CA GLY C 236 44.56 -12.64 7.98
C GLY C 236 44.48 -14.15 7.99
N VAL C 237 43.55 -14.69 8.77
CA VAL C 237 43.24 -16.11 8.77
C VAL C 237 42.82 -16.56 7.36
N THR C 238 42.03 -15.73 6.69
CA THR C 238 41.52 -16.10 5.40
C THR C 238 42.68 -16.20 4.43
N MET C 239 43.60 -15.25 4.51
CA MET C 239 44.76 -15.24 3.62
C MET C 239 45.51 -16.54 3.78
N TRP C 240 45.66 -16.97 5.02
CA TRP C 240 46.39 -18.17 5.35
C TRP C 240 45.70 -19.37 4.72
N GLU C 241 44.38 -19.44 4.90
CA GLU C 241 43.58 -20.47 4.21
C GLU C 241 43.95 -20.59 2.74
N ILE C 242 44.08 -19.46 2.08
CA ILE C 242 44.47 -19.42 0.69
C ILE C 242 45.92 -19.87 0.52
N ALA C 243 46.83 -19.33 1.32
CA ALA C 243 48.22 -19.74 1.23
C ALA C 243 48.36 -21.28 1.39
N THR C 244 47.58 -21.88 2.27
CA THR C 244 47.67 -23.30 2.52
C THR C 244 46.79 -24.15 1.58
N ARG C 245 45.98 -23.49 0.77
CA ARG C 245 45.03 -24.17 -0.14
C ARG C 245 44.03 -25.04 0.63
N GLY C 246 43.49 -24.48 1.71
CA GLY C 246 42.35 -25.06 2.41
C GLY C 246 42.57 -25.79 3.71
N MET C 247 43.69 -25.54 4.39
CA MET C 247 43.91 -26.14 5.70
C MET C 247 43.02 -25.50 6.75
N THR C 248 42.53 -26.28 7.69
CA THR C 248 41.88 -25.73 8.85
C THR C 248 42.96 -24.96 9.62
N PRO C 249 42.64 -23.75 10.09
CA PRO C 249 43.62 -23.03 10.88
C PRO C 249 43.97 -23.74 12.18
N TYR C 250 45.23 -23.56 12.60
CA TYR C 250 45.74 -24.08 13.86
C TYR C 250 45.63 -25.62 13.92
N PRO C 251 46.37 -26.32 13.04
CA PRO C 251 46.43 -27.76 13.22
C PRO C 251 47.08 -28.13 14.57
N GLY C 252 46.56 -29.17 15.23
CA GLY C 252 47.04 -29.52 16.56
C GLY C 252 46.25 -28.86 17.67
N VAL C 253 45.75 -27.66 17.43
CA VAL C 253 45.03 -26.90 18.45
C VAL C 253 43.52 -27.05 18.36
N GLN C 254 42.93 -27.69 19.37
CA GLN C 254 41.48 -27.86 19.45
C GLN C 254 40.79 -26.55 19.76
N ASN C 255 39.54 -26.40 19.32
CA ASN C 255 38.73 -25.17 19.47
C ASN C 255 38.66 -24.57 20.88
N HIS C 256 38.34 -25.42 21.87
CA HIS C 256 38.27 -24.98 23.26
C HIS C 256 39.59 -24.41 23.84
N GLU C 257 40.71 -24.69 23.18
CA GLU C 257 42.03 -24.22 23.63
C GLU C 257 42.39 -22.87 23.01
N MET C 258 41.59 -22.41 22.03
CA MET C 258 42.02 -21.31 21.17
C MET C 258 42.34 -19.99 21.88
N TYR C 259 41.51 -19.61 22.83
CA TYR C 259 41.69 -18.32 23.50
C TYR C 259 43.02 -18.25 24.26
N ASP C 260 43.32 -19.33 24.99
CA ASP C 260 44.53 -19.41 25.79
C ASP C 260 45.76 -19.62 24.94
N TYR C 261 45.59 -20.25 23.79
CA TYR C 261 46.68 -20.47 22.86
C TYR C 261 47.11 -19.11 22.29
N LEU C 262 46.14 -18.26 21.96
CA LEU C 262 46.44 -16.94 21.48
C LEU C 262 46.92 -16.04 22.63
N LEU C 263 46.30 -16.18 23.79
CA LEU C 263 46.64 -15.34 24.95
C LEU C 263 48.14 -15.38 25.27
N HIS C 264 48.76 -16.55 25.07
CA HIS C 264 50.19 -16.70 25.25
C HIS C 264 50.97 -16.34 23.98
N GLY C 265 50.36 -15.53 23.12
CA GLY C 265 51.06 -14.93 21.99
C GLY C 265 51.41 -15.84 20.84
N HIS C 266 50.78 -17.02 20.76
CA HIS C 266 50.97 -17.94 19.62
C HIS C 266 50.08 -17.61 18.44
N ARG C 267 50.61 -17.79 17.24
CA ARG C 267 49.89 -17.45 16.03
C ARG C 267 49.82 -18.62 15.04
N LEU C 268 49.12 -18.42 13.91
CA LEU C 268 49.24 -19.36 12.76
C LEU C 268 50.68 -19.38 12.27
N LYS C 269 51.15 -20.55 11.93
CA LYS C 269 52.52 -20.69 11.48
C LYS C 269 52.63 -20.35 10.00
N GLN C 270 53.82 -19.97 9.59
CA GLN C 270 54.07 -19.69 8.17
C GLN C 270 53.96 -20.97 7.33
N PRO C 271 53.14 -20.94 6.26
CA PRO C 271 53.05 -22.02 5.25
C PRO C 271 54.40 -22.33 4.56
N GLU C 272 54.49 -23.50 3.96
CA GLU C 272 55.75 -24.09 3.53
C GLU C 272 56.59 -23.21 2.60
N ASP C 273 56.12 -22.95 1.39
CA ASP C 273 56.92 -22.12 0.47
C ASP C 273 56.38 -20.70 0.27
N CYS C 274 55.81 -20.12 1.33
CA CYS C 274 55.31 -18.76 1.29
C CYS C 274 56.42 -17.77 1.54
N LEU C 275 56.45 -16.73 0.70
CA LEU C 275 57.35 -15.57 0.83
C LEU C 275 57.19 -14.87 2.17
N ASP C 276 58.31 -14.61 2.85
CA ASP C 276 58.29 -13.87 4.14
C ASP C 276 57.38 -12.63 4.10
N GLU C 277 57.44 -11.92 2.97
CA GLU C 277 56.66 -10.70 2.74
C GLU C 277 55.18 -11.01 2.95
N LEU C 278 54.71 -12.07 2.30
CA LEU C 278 53.30 -12.47 2.40
C LEU C 278 52.99 -12.88 3.83
N TYR C 279 53.94 -13.53 4.47
CA TYR C 279 53.72 -13.92 5.84
C TYR C 279 53.69 -12.70 6.79
N GLU C 280 54.58 -11.73 6.56
CA GLU C 280 54.58 -10.50 7.37
C GLU C 280 53.21 -9.85 7.31
N ILE C 281 52.65 -9.83 6.11
CA ILE C 281 51.41 -9.17 5.87
C ILE C 281 50.28 -9.84 6.65
N MET C 282 50.21 -11.17 6.61
CA MET C 282 49.13 -11.86 7.35
C MET C 282 49.31 -11.73 8.86
N TYR C 283 50.58 -11.71 9.30
CA TYR C 283 50.92 -11.66 10.71
C TYR C 283 50.52 -10.32 11.32
N SER C 284 50.67 -9.26 10.55
CA SER C 284 50.28 -7.92 11.01
C SER C 284 48.79 -7.89 11.33
N CYS C 285 48.02 -8.76 10.68
CA CYS C 285 46.60 -8.87 10.94
C CYS C 285 46.25 -9.39 12.33
N TRP C 286 47.21 -10.02 13.00
CA TRP C 286 46.90 -10.60 14.30
C TRP C 286 47.74 -10.02 15.45
N ARG C 287 48.16 -8.77 15.35
CA ARG C 287 48.86 -8.10 16.46
C ARG C 287 47.85 -7.93 17.58
N THR C 288 48.31 -7.99 18.83
CA THR C 288 47.37 -8.12 19.95
C THR C 288 46.45 -6.93 20.10
N ASP C 289 46.99 -5.72 19.99
CA ASP C 289 46.13 -4.54 20.05
C ASP C 289 45.48 -4.26 18.68
N PRO C 290 44.14 -4.18 18.66
CA PRO C 290 43.46 -3.89 17.40
C PRO C 290 44.06 -2.67 16.69
N LEU C 291 44.44 -1.67 17.46
CA LEU C 291 44.91 -0.38 16.93
C LEU C 291 46.18 -0.50 16.08
N ASP C 292 47.04 -1.45 16.46
CA ASP C 292 48.28 -1.74 15.74
C ASP C 292 48.08 -2.43 14.39
N ARG C 293 47.01 -3.23 14.27
CA ARG C 293 46.66 -3.90 13.00
C ARG C 293 46.45 -2.87 11.89
N PRO C 294 46.93 -3.17 10.67
CA PRO C 294 46.68 -2.25 9.56
C PRO C 294 45.20 -2.16 9.18
N THR C 295 44.85 -1.20 8.33
CA THR C 295 43.48 -1.12 7.81
C THR C 295 43.42 -1.87 6.49
N PHE C 296 42.21 -2.17 6.02
CA PHE C 296 42.02 -2.87 4.73
C PHE C 296 42.63 -2.14 3.52
N SER C 297 42.54 -0.81 3.48
CA SER C 297 43.18 -0.06 2.39
C SER C 297 44.71 -0.06 2.49
N VAL C 298 45.23 -0.13 3.71
CA VAL C 298 46.68 -0.29 3.90
C VAL C 298 47.09 -1.67 3.41
N LEU C 299 46.23 -2.64 3.67
CA LEU C 299 46.52 -4.03 3.33
C LEU C 299 46.48 -4.22 1.83
N ARG C 300 45.40 -3.73 1.24
CA ARG C 300 45.12 -3.93 -0.15
C ARG C 300 46.29 -3.46 -1.00
N LEU C 301 46.88 -2.34 -0.66
CA LEU C 301 47.94 -1.79 -1.47
C LEU C 301 49.20 -2.65 -1.33
N GLN C 302 49.41 -3.23 -0.16
CA GLN C 302 50.60 -4.06 0.07
C GLN C 302 50.57 -5.30 -0.80
N LEU C 303 49.40 -5.91 -0.90
CA LEU C 303 49.19 -7.10 -1.72
C LEU C 303 49.34 -6.79 -3.22
N GLU C 304 48.80 -5.66 -3.64
CA GLU C 304 48.85 -5.23 -5.04
C GLU C 304 50.31 -5.02 -5.48
N LYS C 305 51.09 -4.36 -4.61
CA LYS C 305 52.50 -4.08 -4.87
C LYS C 305 53.33 -5.36 -4.85
N LEU C 306 52.95 -6.32 -4.02
CA LEU C 306 53.65 -7.59 -3.95
C LEU C 306 53.40 -8.38 -5.21
N LEU C 307 52.15 -8.34 -5.68
CA LEU C 307 51.75 -9.03 -6.91
C LEU C 307 52.57 -8.52 -8.08
N GLU C 308 52.76 -7.19 -8.12
CA GLU C 308 53.66 -6.56 -9.08
C GLU C 308 55.08 -7.11 -9.00
N SER C 309 55.58 -7.29 -7.78
N SER C 309 55.59 -7.29 -7.78
CA SER C 309 56.96 -7.72 -7.53
CA SER C 309 56.98 -7.71 -7.56
C SER C 309 57.30 -9.07 -8.16
C SER C 309 57.30 -9.09 -8.15
N LEU C 310 56.28 -9.93 -8.28
CA LEU C 310 56.43 -11.28 -8.83
C LEU C 310 56.60 -11.24 -10.34
N PRO C 311 57.40 -12.18 -10.92
CA PRO C 311 57.54 -12.25 -12.38
C PRO C 311 56.20 -12.47 -13.07
N ASP C 312 56.17 -12.28 -14.39
CA ASP C 312 54.92 -12.28 -15.15
C ASP C 312 54.48 -13.70 -15.54
N ASN D 24 71.67 23.43 6.76
CA ASN D 24 71.16 22.09 6.33
C ASN D 24 70.04 21.57 7.23
N LYS D 25 69.48 22.48 8.04
CA LYS D 25 68.64 22.17 9.21
C LYS D 25 67.39 21.34 8.91
N LEU D 26 66.46 21.89 8.15
CA LEU D 26 65.23 21.17 7.76
C LEU D 26 65.53 20.15 6.68
N GLU D 27 66.12 19.02 7.09
CA GLU D 27 66.45 17.93 6.17
C GLU D 27 65.77 16.67 6.67
N ASP D 28 65.31 16.72 7.91
CA ASP D 28 64.54 15.63 8.51
C ASP D 28 63.09 15.68 8.01
N VAL D 29 62.71 16.82 7.44
CA VAL D 29 61.40 16.95 6.80
C VAL D 29 61.29 15.95 5.64
N VAL D 30 62.41 15.73 4.95
CA VAL D 30 62.53 14.73 3.88
C VAL D 30 62.32 13.32 4.45
N ILE D 31 61.53 12.53 3.73
CA ILE D 31 61.29 11.12 4.08
C ILE D 31 61.95 10.23 3.03
N ASP D 32 62.57 9.15 3.49
CA ASP D 32 63.19 8.17 2.60
C ASP D 32 62.17 7.51 1.64
N ARG D 33 62.37 7.75 0.34
CA ARG D 33 61.48 7.30 -0.74
C ARG D 33 60.97 5.84 -0.64
N ASN D 34 61.80 4.95 -0.10
CA ASN D 34 61.40 3.56 0.00
C ASN D 34 60.53 3.26 1.24
N LEU D 35 60.47 4.22 2.17
CA LEU D 35 59.49 4.14 3.26
C LEU D 35 58.08 4.33 2.72
N LEU D 36 58.00 4.67 1.43
CA LEU D 36 56.75 5.09 0.81
C LEU D 36 56.34 4.22 -0.39
N ILE D 37 55.06 3.88 -0.43
CA ILE D 37 54.53 3.08 -1.50
C ILE D 37 53.27 3.74 -2.07
N LEU D 38 53.22 3.91 -3.39
CA LEU D 38 52.14 4.63 -4.07
C LEU D 38 51.08 3.70 -4.63
N GLY D 39 49.84 4.16 -4.68
CA GLY D 39 48.72 3.37 -5.20
C GLY D 39 48.06 4.01 -6.39
N LYS D 40 46.74 3.87 -6.48
CA LYS D 40 45.94 4.44 -7.59
C LYS D 40 45.90 5.98 -7.53
N ILE D 41 45.62 6.61 -8.67
CA ILE D 41 45.47 8.07 -8.71
C ILE D 41 44.08 8.46 -8.19
N LEU D 42 44.00 9.52 -7.40
CA LEU D 42 42.72 10.03 -6.89
C LEU D 42 42.26 11.32 -7.58
N GLY D 43 43.11 11.90 -8.43
CA GLY D 43 42.75 13.11 -9.15
C GLY D 43 43.95 13.77 -9.81
N GLU D 44 43.66 14.53 -10.88
CA GLU D 44 44.67 15.26 -11.64
C GLU D 44 44.20 16.67 -12.00
N GLY D 45 44.83 17.70 -11.42
CA GLY D 45 44.68 19.08 -11.88
C GLY D 45 45.69 19.40 -12.98
N GLU D 46 45.73 20.67 -13.40
CA GLU D 46 46.75 21.14 -14.36
C GLU D 46 48.14 21.09 -13.71
N PHE D 47 48.22 21.47 -12.43
CA PHE D 47 49.45 21.45 -11.62
C PHE D 47 50.07 20.05 -11.50
N GLY D 48 49.51 19.22 -10.62
CA GLY D 48 50.05 17.87 -10.44
C GLY D 48 49.03 16.75 -10.48
N SER D 49 49.23 15.76 -9.61
CA SER D 49 48.28 14.66 -9.41
C SER D 49 48.34 14.13 -7.96
N VAL D 50 47.17 13.85 -7.38
CA VAL D 50 47.13 13.31 -6.02
C VAL D 50 46.96 11.78 -6.09
N MET D 51 47.74 11.07 -5.28
CA MET D 51 47.70 9.59 -5.18
C MET D 51 47.55 9.05 -3.76
N GLU D 52 46.87 7.91 -3.64
CA GLU D 52 46.85 7.13 -2.39
C GLU D 52 48.16 6.37 -2.20
N GLY D 53 48.54 6.15 -0.95
CA GLY D 53 49.76 5.42 -0.64
C GLY D 53 49.89 4.95 0.79
N ASN D 54 50.96 4.22 1.06
CA ASN D 54 51.28 3.74 2.39
C ASN D 54 52.63 4.31 2.79
N LEU D 55 52.70 4.78 4.02
CA LEU D 55 53.93 5.28 4.61
C LEU D 55 54.32 4.34 5.74
N LYS D 56 55.54 3.84 5.69
CA LYS D 56 56.06 3.01 6.76
C LYS D 56 56.63 3.92 7.85
N GLN D 57 56.44 3.55 9.10
CA GLN D 57 56.77 4.41 10.22
C GLN D 57 57.83 3.86 11.16
N GLU D 58 58.09 4.59 12.25
CA GLU D 58 59.01 4.18 13.30
C GLU D 58 58.45 2.93 14.00
N ASP D 59 57.15 2.97 14.30
CA ASP D 59 56.35 1.83 14.79
C ASP D 59 56.65 0.49 14.15
N GLY D 60 56.94 0.52 12.85
CA GLY D 60 56.89 -0.67 12.02
C GLY D 60 55.56 -0.67 11.28
N THR D 61 54.51 -0.13 11.91
CA THR D 61 53.19 -0.06 11.30
C THR D 61 53.19 0.92 10.12
N SER D 62 52.23 0.73 9.21
CA SER D 62 52.05 1.65 8.08
C SER D 62 50.83 2.53 8.28
N LEU D 63 50.88 3.72 7.70
CA LEU D 63 49.80 4.68 7.80
C LEU D 63 49.28 5.05 6.42
N LYS D 64 47.97 5.19 6.28
CA LYS D 64 47.38 5.57 5.01
C LYS D 64 47.60 7.06 4.77
N VAL D 65 48.07 7.39 3.57
CA VAL D 65 48.50 8.74 3.21
C VAL D 65 48.03 9.15 1.83
N ALA D 66 48.01 10.45 1.58
CA ALA D 66 47.80 11.01 0.22
C ALA D 66 49.05 11.74 -0.24
N VAL D 67 49.43 11.49 -1.49
CA VAL D 67 50.71 11.96 -2.01
C VAL D 67 50.46 12.93 -3.15
N LYS D 68 50.87 14.18 -2.94
CA LYS D 68 50.74 15.25 -3.93
C LYS D 68 52.04 15.47 -4.68
N THR D 69 51.96 15.47 -6.01
CA THR D 69 53.14 15.62 -6.87
C THR D 69 53.05 16.93 -7.65
N MET D 70 54.19 17.61 -7.82
CA MET D 70 54.28 18.83 -8.61
C MET D 70 55.64 18.91 -9.31
N LYS D 71 55.99 20.07 -9.89
CA LYS D 71 57.25 20.19 -10.64
C LYS D 71 58.02 21.50 -10.41
N ILE D 80 65.28 25.16 -5.66
CA ILE D 80 64.29 24.26 -5.04
C ILE D 80 64.30 24.30 -3.52
N GLU D 81 65.48 24.51 -2.94
CA GLU D 81 65.66 24.63 -1.48
C GLU D 81 64.50 25.41 -0.87
N GLU D 82 64.26 26.61 -1.41
CA GLU D 82 63.13 27.47 -0.99
C GLU D 82 61.81 26.71 -0.74
N PHE D 83 61.40 25.86 -1.68
CA PHE D 83 60.21 25.03 -1.50
C PHE D 83 60.28 24.16 -0.25
N LEU D 84 61.43 23.53 -0.03
CA LEU D 84 61.61 22.62 1.10
C LEU D 84 61.35 23.30 2.46
N SER D 85 61.76 24.56 2.58
CA SER D 85 61.58 25.34 3.81
C SER D 85 60.10 25.52 4.14
N GLU D 86 59.30 25.75 3.09
CA GLU D 86 57.85 25.82 3.24
C GLU D 86 57.33 24.57 3.94
N ALA D 87 57.65 23.40 3.38
CA ALA D 87 57.27 22.13 3.97
C ALA D 87 57.79 21.99 5.41
N ALA D 88 58.99 22.52 5.66
CA ALA D 88 59.58 22.48 6.99
C ALA D 88 58.70 23.26 7.96
N CYS D 89 58.31 24.46 7.52
CA CYS D 89 57.40 25.30 8.28
C CYS D 89 56.08 24.56 8.52
N MET D 90 55.34 24.32 7.43
CA MET D 90 54.10 23.57 7.50
C MET D 90 54.19 22.39 8.47
N LYS D 91 55.26 21.61 8.39
CA LYS D 91 55.41 20.45 9.27
C LYS D 91 55.28 20.85 10.74
N ASP D 92 55.57 22.12 11.04
CA ASP D 92 55.45 22.59 12.41
C ASP D 92 54.01 22.88 12.84
N PHE D 93 53.12 23.05 11.87
CA PHE D 93 51.72 23.30 12.17
C PHE D 93 51.09 22.17 12.95
N SER D 94 50.43 22.53 14.03
CA SER D 94 49.80 21.57 14.91
C SER D 94 48.49 22.11 15.46
N HIS D 95 47.38 21.69 14.86
CA HIS D 95 46.04 22.16 15.21
C HIS D 95 45.06 21.16 14.58
N PRO D 96 44.01 20.79 15.34
CA PRO D 96 43.10 19.77 14.84
C PRO D 96 42.32 20.22 13.60
N ASN D 97 42.28 21.53 13.36
CA ASN D 97 41.57 22.07 12.20
C ASN D 97 42.51 22.52 11.08
N VAL D 98 43.76 22.07 11.17
CA VAL D 98 44.74 22.31 10.14
C VAL D 98 45.40 20.98 9.87
N ILE D 99 45.49 20.60 8.59
CA ILE D 99 46.12 19.33 8.18
C ILE D 99 47.61 19.34 8.57
N ARG D 100 48.13 18.18 8.92
CA ARG D 100 49.53 18.10 9.28
C ARG D 100 50.31 17.47 8.14
N LEU D 101 51.21 18.24 7.55
CA LEU D 101 52.09 17.70 6.52
C LEU D 101 53.06 16.78 7.23
N LEU D 102 53.20 15.56 6.68
CA LEU D 102 54.00 14.53 7.32
C LEU D 102 55.46 14.52 6.86
N GLY D 103 55.71 15.11 5.70
CA GLY D 103 57.06 15.15 5.12
C GLY D 103 57.05 15.18 3.60
N VAL D 104 58.24 15.19 3.00
CA VAL D 104 58.35 15.21 1.54
C VAL D 104 59.28 14.15 0.97
N CYS D 105 58.95 13.70 -0.23
CA CYS D 105 59.78 12.78 -0.99
C CYS D 105 60.25 13.45 -2.25
N ILE D 106 61.37 12.95 -2.76
CA ILE D 106 61.94 13.47 -3.99
C ILE D 106 62.37 12.31 -4.85
N GLU D 107 61.75 12.19 -6.02
CA GLU D 107 62.29 11.31 -7.05
C GLU D 107 63.14 12.15 -8.00
N MET D 108 64.44 11.89 -8.00
CA MET D 108 65.44 12.71 -8.72
C MET D 108 65.15 12.81 -10.23
N SER D 109 65.78 13.74 -10.94
CA SER D 109 65.64 13.76 -12.41
C SER D 109 66.86 13.16 -13.12
N SER D 110 66.61 12.19 -14.01
CA SER D 110 67.67 11.43 -14.68
C SER D 110 67.83 11.75 -16.18
N PRO D 116 59.33 15.71 -6.68
CA PRO D 116 58.99 16.22 -5.35
C PRO D 116 57.52 15.99 -4.97
N MET D 117 57.32 15.33 -3.84
CA MET D 117 55.98 14.91 -3.44
C MET D 117 55.77 15.25 -1.98
N VAL D 118 54.66 15.91 -1.67
CA VAL D 118 54.30 16.14 -0.25
C VAL D 118 53.46 14.95 0.28
N ILE D 119 53.66 14.61 1.54
CA ILE D 119 52.97 13.46 2.17
C ILE D 119 52.00 13.91 3.25
N LEU D 120 50.74 13.53 3.09
CA LEU D 120 49.72 13.96 3.99
C LEU D 120 48.87 12.78 4.42
N PRO D 121 48.27 12.84 5.61
CA PRO D 121 47.35 11.80 6.02
C PRO D 121 46.20 11.66 5.04
N PHE D 122 45.78 10.44 4.79
CA PHE D 122 44.67 10.20 3.89
C PHE D 122 43.39 10.50 4.65
N MET D 123 42.47 11.20 3.98
CA MET D 123 41.17 11.56 4.56
C MET D 123 40.11 10.84 3.76
N LYS D 124 39.45 9.85 4.35
CA LYS D 124 38.54 8.98 3.58
C LYS D 124 37.28 9.71 3.10
N TYR D 125 36.85 10.73 3.84
CA TYR D 125 35.66 11.46 3.44
C TYR D 125 35.92 12.47 2.31
N GLY D 126 37.19 12.72 2.00
CA GLY D 126 37.56 13.52 0.86
C GLY D 126 37.42 15.01 1.12
N ASP D 127 37.34 15.81 0.07
CA ASP D 127 37.25 17.24 0.23
C ASP D 127 35.80 17.69 0.50
N LEU D 128 35.67 18.79 1.22
CA LEU D 128 34.39 19.30 1.65
C LEU D 128 33.43 19.67 0.50
N HIS D 129 33.99 20.18 -0.60
CA HIS D 129 33.19 20.62 -1.71
C HIS D 129 32.42 19.46 -2.30
N THR D 130 33.12 18.35 -2.53
CA THR D 130 32.53 17.21 -3.22
C THR D 130 31.52 16.53 -2.31
N TYR D 131 31.74 16.71 -1.02
CA TYR D 131 30.88 16.13 -0.01
C TYR D 131 29.55 16.88 0.02
N LEU D 132 29.62 18.20 -0.06
CA LEU D 132 28.41 19.02 -0.11
C LEU D 132 27.53 18.60 -1.29
N LEU D 133 28.13 18.49 -2.47
CA LEU D 133 27.42 18.05 -3.64
C LEU D 133 26.82 16.66 -3.42
N TYR D 134 27.63 15.69 -2.99
CA TYR D 134 27.10 14.34 -2.71
C TYR D 134 25.89 14.37 -1.81
N SER D 135 25.89 15.25 -0.81
CA SER D 135 24.79 15.35 0.15
C SER D 135 23.45 15.75 -0.48
N ARG D 136 23.52 16.34 -1.67
N ARG D 136 23.52 16.33 -1.68
CA ARG D 136 22.32 16.72 -2.44
CA ARG D 136 22.30 16.70 -2.42
C ARG D 136 21.78 15.54 -3.30
C ARG D 136 21.76 15.53 -3.26
N LEU D 137 22.41 14.38 -3.15
CA LEU D 137 21.97 13.16 -3.80
C LEU D 137 21.66 12.08 -2.78
N GLU D 138 20.62 11.29 -3.06
CA GLU D 138 20.37 10.01 -2.37
C GLU D 138 21.59 9.09 -2.51
N THR D 139 21.69 8.07 -1.66
CA THR D 139 22.88 7.17 -1.62
C THR D 139 24.12 7.85 -1.05
N GLY D 140 24.33 9.11 -1.39
CA GLY D 140 25.34 9.90 -0.69
C GLY D 140 24.82 10.37 0.67
N PRO D 141 25.73 10.91 1.53
CA PRO D 141 25.49 11.45 2.86
C PRO D 141 24.17 12.19 2.98
N LYS D 142 23.45 11.94 4.09
CA LYS D 142 22.14 12.56 4.36
C LYS D 142 22.19 14.08 4.21
N HIS D 143 21.02 14.69 4.03
CA HIS D 143 20.88 16.13 3.96
C HIS D 143 21.55 16.78 5.17
N ILE D 144 22.60 17.57 4.93
CA ILE D 144 23.31 18.28 6.00
C ILE D 144 22.44 19.40 6.56
N PRO D 145 22.03 19.30 7.83
CA PRO D 145 21.21 20.37 8.41
C PRO D 145 22.05 21.59 8.77
N LEU D 146 21.38 22.70 9.06
CA LEU D 146 22.03 23.98 9.29
C LEU D 146 23.15 23.90 10.35
N GLN D 147 22.82 23.30 11.49
CA GLN D 147 23.75 23.09 12.58
C GLN D 147 25.08 22.50 12.12
N THR D 148 25.01 21.51 11.24
CA THR D 148 26.23 20.88 10.67
C THR D 148 26.99 21.80 9.71
N LEU D 149 26.26 22.51 8.86
CA LEU D 149 26.89 23.51 7.98
C LEU D 149 27.64 24.58 8.78
N LEU D 150 27.12 24.96 9.94
CA LEU D 150 27.82 25.91 10.79
C LEU D 150 29.05 25.30 11.45
N LYS D 151 28.93 24.08 11.95
CA LYS D 151 30.09 23.38 12.49
C LYS D 151 31.22 23.40 11.47
N PHE D 152 30.88 23.15 10.21
CA PHE D 152 31.84 23.15 9.11
C PHE D 152 32.61 24.47 9.02
N MET D 153 31.87 25.57 9.12
CA MET D 153 32.44 26.89 9.05
C MET D 153 33.29 27.19 10.26
N VAL D 154 32.81 26.79 11.45
CA VAL D 154 33.54 27.04 12.69
C VAL D 154 34.90 26.40 12.59
N ASP D 155 34.94 25.11 12.25
CA ASP D 155 36.20 24.39 12.02
C ASP D 155 37.21 25.18 11.18
N ILE D 156 36.76 25.67 10.02
CA ILE D 156 37.61 26.44 9.11
C ILE D 156 38.00 27.76 9.78
N ALA D 157 37.06 28.35 10.49
CA ALA D 157 37.36 29.57 11.18
C ALA D 157 38.50 29.28 12.13
N LEU D 158 38.37 28.20 12.89
CA LEU D 158 39.37 27.83 13.86
C LEU D 158 40.70 27.54 13.20
N GLY D 159 40.70 26.71 12.15
CA GLY D 159 41.92 26.45 11.37
C GLY D 159 42.62 27.72 10.89
N MET D 160 41.87 28.62 10.29
CA MET D 160 42.40 29.89 9.87
C MET D 160 42.79 30.83 11.00
N GLU D 161 42.09 30.78 12.13
CA GLU D 161 42.50 31.54 13.32
C GLU D 161 43.93 31.24 13.68
N TYR D 162 44.20 29.97 13.88
CA TYR D 162 45.54 29.47 14.16
C TYR D 162 46.60 29.97 13.16
N LEU D 163 46.30 29.85 11.86
CA LEU D 163 47.27 30.17 10.81
C LEU D 163 47.59 31.65 10.75
N SER D 164 46.55 32.47 10.91
CA SER D 164 46.66 33.92 11.03
C SER D 164 47.55 34.39 12.22
N ASN D 165 47.54 33.63 13.32
CA ASN D 165 48.41 33.92 14.46
C ASN D 165 49.86 33.63 14.12
N ARG D 166 50.09 32.52 13.44
CA ARG D 166 51.41 32.13 12.98
C ARG D 166 51.86 33.05 11.87
N ASN D 167 51.02 34.05 11.57
CA ASN D 167 51.31 35.00 10.51
C ASN D 167 51.55 34.28 9.20
N PHE D 168 50.74 33.25 8.97
CA PHE D 168 50.83 32.47 7.77
C PHE D 168 49.72 32.84 6.79
N LEU D 169 50.12 33.12 5.55
CA LEU D 169 49.19 33.46 4.45
C LEU D 169 48.83 32.26 3.60
N HIS D 170 47.56 31.91 3.58
CA HIS D 170 47.08 30.72 2.90
C HIS D 170 47.16 30.83 1.36
N ARG D 171 46.42 31.80 0.82
CA ARG D 171 46.40 32.14 -0.63
C ARG D 171 45.65 31.19 -1.58
N ASP D 172 44.93 30.19 -1.06
CA ASP D 172 44.04 29.36 -1.89
C ASP D 172 42.93 28.67 -1.09
N LEU D 173 42.23 29.44 -0.28
CA LEU D 173 41.18 28.90 0.57
C LEU D 173 39.85 28.86 -0.19
N ALA D 174 39.24 27.69 -0.19
CA ALA D 174 38.02 27.42 -0.93
C ALA D 174 37.56 26.10 -0.37
N ALA D 175 36.30 25.74 -0.57
CA ALA D 175 35.81 24.47 -0.02
C ALA D 175 36.48 23.22 -0.64
N ARG D 176 36.98 23.37 -1.86
N ARG D 176 36.99 23.37 -1.87
CA ARG D 176 37.73 22.32 -2.56
CA ARG D 176 37.73 22.30 -2.54
C ARG D 176 39.06 22.02 -1.84
C ARG D 176 39.02 21.97 -1.77
N ASN D 177 39.45 22.91 -0.93
CA ASN D 177 40.70 22.76 -0.18
C ASN D 177 40.48 22.60 1.33
N CYS D 178 39.31 22.11 1.69
CA CYS D 178 39.03 21.72 3.07
C CYS D 178 38.67 20.24 3.06
N MET D 179 39.28 19.48 3.96
CA MET D 179 39.08 18.03 3.98
C MET D 179 38.19 17.65 5.14
N LEU D 180 37.54 16.51 5.07
CA LEU D 180 36.81 16.00 6.22
C LEU D 180 37.59 14.88 6.88
N ARG D 181 37.78 14.98 8.19
CA ARG D 181 38.45 13.93 8.95
C ARG D 181 37.49 12.78 9.12
N ASP D 182 38.02 11.62 9.53
CA ASP D 182 37.20 10.42 9.80
C ASP D 182 36.10 10.61 10.84
N ASP D 183 36.22 11.66 11.64
CA ASP D 183 35.24 12.00 12.66
C ASP D 183 34.44 13.23 12.27
N MET D 184 34.45 13.57 10.98
CA MET D 184 33.69 14.70 10.41
C MET D 184 34.12 16.10 10.86
N THR D 185 35.30 16.21 11.47
CA THR D 185 35.98 17.50 11.70
C THR D 185 36.47 18.03 10.35
N VAL D 186 36.44 19.35 10.13
CA VAL D 186 37.01 19.91 8.91
C VAL D 186 38.39 20.42 9.24
N CYS D 187 39.33 20.22 8.34
CA CYS D 187 40.60 20.86 8.48
C CYS D 187 40.99 21.48 7.16
N VAL D 188 41.86 22.48 7.24
CA VAL D 188 42.33 23.26 6.08
C VAL D 188 43.55 22.59 5.45
N ALA D 189 43.62 22.62 4.12
CA ALA D 189 44.68 21.95 3.36
C ALA D 189 45.18 22.81 2.19
N ASP D 190 46.14 22.30 1.42
CA ASP D 190 46.53 22.87 0.14
C ASP D 190 47.09 24.27 0.20
N PHE D 191 47.41 24.72 1.41
CA PHE D 191 47.82 26.09 1.63
C PHE D 191 49.06 26.35 0.82
N GLY D 192 49.07 27.51 0.15
CA GLY D 192 50.23 27.94 -0.64
C GLY D 192 50.54 26.99 -1.79
N LEU D 193 51.70 26.35 -1.72
CA LEU D 193 52.23 25.52 -2.81
C LEU D 193 52.31 26.35 -4.10
N SER D 194 53.15 27.40 -4.04
CA SER D 194 53.41 28.36 -5.13
C SER D 194 52.17 29.13 -5.61
N PRO D 212 41.62 30.55 -10.11
CA PRO D 212 41.07 30.71 -8.75
C PRO D 212 40.32 32.02 -8.61
N VAL D 213 40.09 32.70 -9.74
CA VAL D 213 39.76 34.13 -9.74
C VAL D 213 38.59 34.51 -8.83
N LYS D 214 37.61 33.64 -8.73
CA LYS D 214 36.40 33.93 -7.98
C LYS D 214 36.54 33.84 -6.47
N TRP D 215 37.72 33.52 -5.97
CA TRP D 215 37.99 33.52 -4.51
C TRP D 215 38.95 34.65 -4.06
N ILE D 216 39.54 35.35 -5.03
CA ILE D 216 40.49 36.41 -4.74
C ILE D 216 39.83 37.77 -4.43
N ALA D 217 40.38 38.46 -3.42
CA ALA D 217 39.88 39.76 -2.98
C ALA D 217 40.23 40.89 -3.94
N ILE D 218 39.37 41.89 -4.02
CA ILE D 218 39.52 43.01 -4.96
C ILE D 218 40.96 43.49 -5.05
N GLU D 219 41.57 43.74 -3.88
CA GLU D 219 42.86 44.42 -3.79
C GLU D 219 44.02 43.60 -4.38
N SER D 220 43.90 42.29 -4.22
CA SER D 220 44.82 41.30 -4.75
C SER D 220 44.65 41.14 -6.24
N LEU D 221 43.39 41.25 -6.68
CA LEU D 221 43.05 41.25 -8.09
C LEU D 221 43.66 42.49 -8.76
N ALA D 222 43.47 43.65 -8.15
CA ALA D 222 43.99 44.92 -8.64
C ALA D 222 45.50 45.02 -8.51
N ASP D 223 46.01 45.07 -7.28
CA ASP D 223 47.41 45.46 -7.06
C ASP D 223 48.41 44.30 -6.81
N ARG D 224 47.92 43.06 -6.72
CA ARG D 224 48.76 41.88 -6.42
C ARG D 224 49.10 41.70 -4.92
N VAL D 225 48.88 42.76 -4.14
CA VAL D 225 48.90 42.73 -2.66
C VAL D 225 48.13 41.54 -2.06
N TYR D 226 48.68 40.92 -1.01
CA TYR D 226 47.96 39.83 -0.30
C TYR D 226 48.27 39.76 1.21
N THR D 227 47.26 39.96 2.04
CA THR D 227 47.42 39.83 3.51
C THR D 227 46.36 38.87 4.04
N SER D 228 46.48 38.49 5.31
CA SER D 228 45.55 37.52 5.89
C SER D 228 44.09 37.98 5.84
N LYS D 229 43.89 39.29 5.65
CA LYS D 229 42.55 39.79 5.32
C LYS D 229 42.04 39.31 3.94
N SER D 230 42.96 39.11 2.98
CA SER D 230 42.59 38.59 1.68
C SER D 230 42.12 37.15 1.83
N ASP D 231 42.74 36.41 2.76
CA ASP D 231 42.28 35.09 3.17
C ASP D 231 40.91 35.19 3.84
N VAL D 232 40.69 36.23 4.65
CA VAL D 232 39.37 36.48 5.26
C VAL D 232 38.32 36.61 4.16
N TRP D 233 38.74 37.13 2.99
CA TRP D 233 37.85 37.28 1.84
C TRP D 233 37.52 35.90 1.28
N ALA D 234 38.56 35.11 1.01
CA ALA D 234 38.39 33.75 0.56
C ALA D 234 37.47 33.00 1.52
N PHE D 235 37.65 33.19 2.82
CA PHE D 235 36.81 32.48 3.79
C PHE D 235 35.34 32.81 3.64
N GLY D 236 35.03 34.05 3.30
CA GLY D 236 33.64 34.46 3.13
C GLY D 236 33.01 33.74 1.95
N VAL D 237 33.75 33.69 0.85
CA VAL D 237 33.34 32.95 -0.32
C VAL D 237 33.11 31.48 0.09
N THR D 238 34.06 30.94 0.86
CA THR D 238 33.98 29.55 1.27
C THR D 238 32.72 29.30 2.05
N MET D 239 32.40 30.22 2.94
CA MET D 239 31.21 30.13 3.77
C MET D 239 29.96 29.99 2.89
N TRP D 240 29.86 30.89 1.91
CA TRP D 240 28.82 30.87 0.89
C TRP D 240 28.75 29.53 0.16
N GLU D 241 29.90 28.99 -0.26
CA GLU D 241 29.94 27.63 -0.86
C GLU D 241 29.25 26.62 0.02
N ILE D 242 29.48 26.71 1.31
CA ILE D 242 28.82 25.83 2.24
C ILE D 242 27.32 26.15 2.36
N ALA D 243 26.96 27.41 2.47
CA ALA D 243 25.56 27.79 2.56
C ALA D 243 24.78 27.27 1.33
N THR D 244 25.43 27.28 0.17
CA THR D 244 24.75 26.90 -1.06
C THR D 244 24.93 25.43 -1.38
N ARG D 245 25.73 24.73 -0.60
CA ARG D 245 25.99 23.29 -0.77
C ARG D 245 26.63 23.03 -2.12
N GLY D 246 27.62 23.87 -2.47
CA GLY D 246 28.50 23.62 -3.59
C GLY D 246 28.29 24.41 -4.89
N MET D 247 27.60 25.54 -4.80
CA MET D 247 27.43 26.38 -5.99
C MET D 247 28.74 27.07 -6.35
N THR D 248 28.99 27.24 -7.63
CA THR D 248 30.13 28.02 -8.06
C THR D 248 29.73 29.44 -7.67
N PRO D 249 30.66 30.22 -7.07
CA PRO D 249 30.36 31.61 -6.74
C PRO D 249 30.05 32.44 -7.99
N TYR D 250 29.15 33.41 -7.81
CA TYR D 250 28.78 34.38 -8.84
C TYR D 250 28.19 33.69 -10.10
N PRO D 251 27.01 33.04 -9.97
CA PRO D 251 26.36 32.55 -11.14
C PRO D 251 25.96 33.72 -12.02
N GLY D 252 26.09 33.53 -13.34
CA GLY D 252 25.85 34.61 -14.30
C GLY D 252 27.08 35.44 -14.65
N VAL D 253 28.01 35.55 -13.71
CA VAL D 253 29.23 36.33 -13.92
C VAL D 253 30.42 35.47 -14.37
N GLN D 254 30.85 35.67 -15.61
CA GLN D 254 32.04 35.00 -16.11
C GLN D 254 33.33 35.52 -15.44
N ASN D 255 34.36 34.67 -15.37
CA ASN D 255 35.65 34.98 -14.74
C ASN D 255 36.32 36.30 -15.13
N HIS D 256 36.41 36.56 -16.42
CA HIS D 256 37.04 37.79 -16.92
C HIS D 256 36.34 39.08 -16.52
N GLU D 257 35.07 38.97 -16.09
CA GLU D 257 34.27 40.12 -15.63
C GLU D 257 34.45 40.39 -14.15
N MET D 258 35.09 39.49 -13.43
CA MET D 258 35.05 39.54 -11.98
C MET D 258 35.52 40.83 -11.31
N TYR D 259 36.66 41.33 -11.76
CA TYR D 259 37.24 42.49 -11.13
C TYR D 259 36.30 43.71 -11.22
N ASP D 260 35.76 43.93 -12.41
CA ASP D 260 34.86 45.06 -12.64
C ASP D 260 33.50 44.85 -12.00
N TYR D 261 33.11 43.61 -11.81
CA TYR D 261 31.86 43.30 -11.18
C TYR D 261 31.95 43.69 -9.70
N LEU D 262 33.08 43.39 -9.10
CA LEU D 262 33.34 43.77 -7.71
C LEU D 262 33.61 45.27 -7.60
N LEU D 263 34.33 45.83 -8.56
CA LEU D 263 34.71 47.24 -8.51
C LEU D 263 33.49 48.16 -8.36
N HIS D 264 32.38 47.78 -8.98
CA HIS D 264 31.14 48.51 -8.86
C HIS D 264 30.33 48.07 -7.64
N GLY D 265 31.00 47.48 -6.66
CA GLY D 265 30.38 47.15 -5.38
C GLY D 265 29.40 45.99 -5.31
N HIS D 266 29.39 45.14 -6.33
CA HIS D 266 28.55 43.94 -6.32
C HIS D 266 29.15 42.76 -5.57
N ARG D 267 28.31 42.02 -4.86
CA ARG D 267 28.79 40.92 -4.03
C ARG D 267 28.04 39.62 -4.30
N LEU D 268 28.49 38.52 -3.70
CA LEU D 268 27.71 37.29 -3.72
C LEU D 268 26.34 37.52 -3.08
N LYS D 269 25.31 36.99 -3.71
CA LYS D 269 23.97 37.19 -3.20
C LYS D 269 23.68 36.27 -2.03
N GLN D 270 22.72 36.64 -1.20
CA GLN D 270 22.32 35.80 -0.08
C GLN D 270 21.61 34.54 -0.58
N PRO D 271 22.05 33.36 -0.12
CA PRO D 271 21.38 32.08 -0.38
C PRO D 271 19.93 32.00 0.12
N GLU D 272 19.17 31.03 -0.39
CA GLU D 272 17.72 31.02 -0.29
C GLU D 272 17.19 31.09 1.14
N ASP D 273 17.44 30.09 1.97
CA ASP D 273 16.86 30.13 3.31
C ASP D 273 17.92 30.38 4.38
N CYS D 274 18.90 31.21 4.05
CA CYS D 274 19.95 31.60 4.99
C CYS D 274 19.51 32.73 5.90
N LEU D 275 19.76 32.53 7.19
CA LEU D 275 19.56 33.56 8.23
C LEU D 275 20.37 34.81 7.92
N ASP D 276 19.71 35.97 8.04
CA ASP D 276 20.35 37.28 7.82
C ASP D 276 21.67 37.41 8.58
N GLU D 277 21.68 36.92 9.82
CA GLU D 277 22.87 36.89 10.68
C GLU D 277 24.04 36.22 9.96
N LEU D 278 23.80 35.04 9.39
CA LEU D 278 24.84 34.30 8.68
C LEU D 278 25.25 35.07 7.46
N TYR D 279 24.28 35.68 6.80
CA TYR D 279 24.63 36.47 5.63
C TYR D 279 25.45 37.72 5.98
N GLU D 280 25.08 38.43 7.06
CA GLU D 280 25.86 39.58 7.55
C GLU D 280 27.33 39.20 7.75
N ILE D 281 27.53 38.04 8.39
CA ILE D 281 28.83 37.56 8.71
C ILE D 281 29.65 37.36 7.45
N MET D 282 29.10 36.66 6.45
CA MET D 282 29.89 36.43 5.23
C MET D 282 30.17 37.71 4.46
N TYR D 283 29.21 38.65 4.53
CA TYR D 283 29.27 39.90 3.80
C TYR D 283 30.37 40.78 4.37
N SER D 284 30.50 40.77 5.68
CA SER D 284 31.57 41.52 6.34
C SER D 284 32.94 41.12 5.81
N CYS D 285 33.06 39.87 5.35
CA CYS D 285 34.31 39.37 4.80
C CYS D 285 34.70 40.03 3.48
N TRP D 286 33.74 40.70 2.82
CA TRP D 286 34.06 41.31 1.53
C TRP D 286 33.90 42.83 1.48
N ARG D 287 34.08 43.50 2.61
CA ARG D 287 34.07 44.96 2.62
C ARG D 287 35.28 45.44 1.81
N THR D 288 35.16 46.59 1.14
CA THR D 288 36.18 46.97 0.16
C THR D 288 37.57 47.18 0.77
N ASP D 289 37.63 47.88 1.90
CA ASP D 289 38.90 48.08 2.57
C ASP D 289 39.25 46.86 3.43
N PRO D 290 40.43 46.28 3.20
CA PRO D 290 40.84 45.12 4.00
C PRO D 290 40.72 45.37 5.50
N LEU D 291 41.02 46.60 5.91
CA LEU D 291 41.10 46.97 7.32
C LEU D 291 39.75 46.86 8.03
N ASP D 292 38.67 47.08 7.28
CA ASP D 292 37.29 47.01 7.78
C ASP D 292 36.81 45.60 8.02
N ARG D 293 37.32 44.65 7.25
CA ARG D 293 36.99 43.22 7.39
C ARG D 293 37.38 42.76 8.79
N PRO D 294 36.54 41.91 9.43
CA PRO D 294 36.90 41.36 10.73
C PRO D 294 38.10 40.43 10.62
N THR D 295 38.68 40.07 11.77
CA THR D 295 39.75 39.05 11.84
C THR D 295 39.15 37.65 12.02
N PHE D 296 39.94 36.61 11.78
CA PHE D 296 39.48 35.22 11.97
C PHE D 296 38.99 34.90 13.36
N SER D 297 39.64 35.45 14.40
CA SER D 297 39.17 35.22 15.77
C SER D 297 37.90 36.00 16.08
N VAL D 298 37.69 37.13 15.42
CA VAL D 298 36.44 37.86 15.56
C VAL D 298 35.32 37.06 14.90
N LEU D 299 35.65 36.46 13.77
CA LEU D 299 34.70 35.69 12.99
C LEU D 299 34.33 34.40 13.70
N ARG D 300 35.33 33.69 14.15
CA ARG D 300 35.13 32.42 14.78
C ARG D 300 34.11 32.50 15.92
N LEU D 301 34.23 33.54 16.74
CA LEU D 301 33.35 33.66 17.89
C LEU D 301 31.91 33.97 17.47
N GLN D 302 31.76 34.69 16.37
CA GLN D 302 30.45 35.04 15.88
C GLN D 302 29.70 33.80 15.44
N LEU D 303 30.42 32.87 14.80
CA LEU D 303 29.83 31.63 14.27
C LEU D 303 29.49 30.69 15.40
N GLU D 304 30.37 30.65 16.41
CA GLU D 304 30.17 29.81 17.60
C GLU D 304 28.90 30.24 18.35
N LYS D 305 28.73 31.56 18.50
CA LYS D 305 27.60 32.13 19.23
C LYS D 305 26.30 31.95 18.46
N LEU D 306 26.38 32.02 17.14
CA LEU D 306 25.24 31.76 16.27
C LEU D 306 24.80 30.32 16.37
N LEU D 307 25.77 29.41 16.40
CA LEU D 307 25.48 27.99 16.49
C LEU D 307 24.72 27.70 17.78
N GLU D 308 25.16 28.35 18.86
CA GLU D 308 24.46 28.32 20.14
C GLU D 308 23.01 28.78 20.01
N SER D 309 22.79 29.85 19.24
N SER D 309 22.79 29.85 19.24
CA SER D 309 21.47 30.48 19.11
CA SER D 309 21.46 30.47 19.13
C SER D 309 20.41 29.55 18.54
C SER D 309 20.40 29.56 18.52
N LEU D 310 20.86 28.60 17.71
CA LEU D 310 19.96 27.65 17.05
C LEU D 310 19.47 26.60 18.04
N PRO D 311 18.23 26.08 17.83
CA PRO D 311 17.71 24.99 18.67
C PRO D 311 18.59 23.75 18.60
N ASP D 312 18.40 22.82 19.53
CA ASP D 312 19.27 21.65 19.67
C ASP D 312 18.86 20.53 18.72
CAH OLP E . -46.48 7.97 -13.00
CAQ OLP E . -46.22 8.59 -11.78
CL OLP E . -44.59 8.91 -11.35
CAF OLP E . -47.24 8.94 -10.89
CAE OLP E . -48.55 8.66 -11.24
CAG OLP E . -48.81 8.04 -12.47
CAR OLP E . -47.79 7.68 -13.36
N6 OLP E . -48.09 7.08 -14.53
C6 OLP E . -47.34 6.16 -15.17
N1 OLP E . -46.14 5.75 -14.67
C5 OLP E . -47.76 5.63 -16.38
N7 OLP E . -48.85 5.83 -17.11
C8 OLP E . -48.75 5.05 -18.18
N9 OLP E . -47.60 4.37 -18.13
CAW OLP E . -47.19 3.41 -19.16
CAB OLP E . -45.75 3.67 -19.65
CAA OLP E . -47.40 1.99 -18.64
C4 OLP E . -46.95 4.70 -17.03
N3 OLP E . -45.77 4.32 -16.48
C2 OLP E . -45.35 4.85 -15.31
N2 OLP E . -44.18 4.49 -14.76
CAK OLP E . -43.57 5.18 -13.59
CAJ OLP E . -43.64 4.33 -12.28
OAC OLP E . -43.68 2.91 -12.55
NA NA F . -45.79 -16.29 9.49
CAH OLP G . -27.13 -18.70 6.57
CAQ OLP G . -28.19 -19.40 6.00
CL OLP G . -28.24 -19.57 4.29
CAF OLP G . -29.20 -19.96 6.79
CAE OLP G . -29.18 -19.80 8.18
CAG OLP G . -28.12 -19.11 8.75
CAR OLP G . -27.11 -18.53 7.96
N6 OLP G . -26.09 -17.86 8.57
C6 OLP G . -25.42 -16.79 8.11
N1 OLP G . -25.58 -16.24 6.88
C5 OLP G . -24.48 -16.21 8.97
N7 OLP G . -24.10 -16.51 10.20
C8 OLP G . -23.18 -15.64 10.58
N9 OLP G . -22.98 -14.79 9.58
CAW OLP G . -21.99 -13.72 9.65
CAB OLP G . -21.02 -13.85 8.44
CAA OLP G . -22.66 -12.34 9.76
C4 OLP G . -23.76 -15.10 8.55
N3 OLP G . -23.98 -14.60 7.32
C2 OLP G . -24.87 -15.17 6.46
N2 OLP G . -25.07 -14.63 5.23
CAK OLP G . -25.80 -15.35 4.15
CAJ OLP G . -26.76 -14.46 3.30
OAC OLP G . -27.47 -13.48 4.10
CL CL H . 49.22 -23.09 12.78
CAH OLP I . 27.10 -24.60 -5.42
CAQ OLP I . 27.49 -25.90 -5.80
CL OLP I . 27.02 -27.26 -4.83
CAF OLP I . 28.27 -26.09 -6.95
CAE OLP I . 28.65 -24.98 -7.70
CAG OLP I . 28.26 -23.70 -7.32
CAR OLP I . 27.49 -23.48 -6.18
N6 OLP I . 27.16 -22.21 -5.83
C6 OLP I . 26.91 -21.77 -4.55
N1 OLP I . 27.00 -22.58 -3.44
C5 OLP I . 26.52 -20.44 -4.36
N7 OLP I . 26.33 -19.42 -5.20
C8 OLP I . 25.95 -18.35 -4.50
N9 OLP I . 25.90 -18.69 -3.21
CAW OLP I . 25.52 -17.73 -2.17
CAB OLP I . 24.42 -18.28 -1.25
CAA OLP I . 26.73 -17.33 -1.35
C4 OLP I . 26.23 -19.97 -3.08
N3 OLP I . 26.35 -20.81 -2.04
C2 OLP I . 26.73 -22.11 -2.19
N2 OLP I . 26.80 -22.87 -1.06
CAK OLP I . 27.39 -24.22 -0.91
CAJ OLP I . 28.92 -24.09 -0.78
OAC OLP I . 29.49 -23.89 -2.10
CL CL J . 25.73 35.57 -6.36
CAH OLP K . 39.97 10.76 -1.96
CAQ OLP K . 38.88 10.12 -2.51
CL OLP K . 38.81 10.00 -4.21
CAF OLP K . 37.84 9.59 -1.77
CAE OLP K . 37.88 9.71 -0.39
CAG OLP K . 38.97 10.35 0.20
CAR OLP K . 40.00 10.88 -0.57
N6 OLP K . 41.02 11.51 0.05
C6 OLP K . 41.72 12.53 -0.47
N1 OLP K . 41.53 13.00 -1.74
C5 OLP K . 42.71 13.11 0.30
N7 OLP K . 43.13 12.87 1.55
C8 OLP K . 44.11 13.73 1.81
N9 OLP K . 44.31 14.49 0.73
CAW OLP K . 45.33 15.57 0.71
CAB OLP K . 46.02 15.78 -0.65
CAA OLP K . 44.63 16.84 1.19
C4 OLP K . 43.47 14.15 -0.22
N3 OLP K . 43.23 14.58 -1.48
C2 OLP K . 42.27 14.01 -2.25
N2 OLP K . 42.08 14.46 -3.51
CAK OLP K . 40.80 14.28 -4.23
CAJ OLP K . 39.68 15.06 -3.49
OAC OLP K . 38.38 14.58 -3.95
#